data_7M5L
#
_entry.id   7M5L
#
_cell.length_a   70.960
_cell.length_b   84.468
_cell.length_c   134.210
_cell.angle_alpha   90.000
_cell.angle_beta   90.000
_cell.angle_gamma   90.000
#
_symmetry.space_group_name_H-M   'P 21 21 21'
#
loop_
_entity.id
_entity.type
_entity.pdbx_description
1 polymer 'Proliferating cell nuclear antigen'
2 polymer 'Peptide mimetic (ACE)RQCSMTCFYHSK(NH2) with linker'
3 non-polymer PROPANE
#
loop_
_entity_poly.entity_id
_entity_poly.type
_entity_poly.pdbx_seq_one_letter_code
_entity_poly.pdbx_strand_id
1 'polypeptide(L)'
;MFEARLVQGSILKKVLEALKDLINEACWDISSSGVNLQSMDSSHVSLVQLTLRSEGFDTYRCDRNLAMGVNLTSMSKILK
CAGNEDIITLRAEDNADTLALVFEAPNQEKVSDYEMKLMDLDVEQLGIPEQEYSCVVKMPSGEFARICRDLSHIGDAVVI
SCAKDGVKFSASGELGNGNIKLSQTSNVDKEEEAVTIEMNEPVQLTFALRYLNFFTKATPLSSTVTLSMSADVPLVVEYK
IADMGHLKYYLAPKIEDE
;
A,B,C
2 'polypeptide(L)' (ACE)RQCSMTCFYHSK(NH2) E,D,F
#
# COMPACT_ATOMS: atom_id res chain seq x y z
N MET A 1 12.38 -17.03 -14.79
CA MET A 1 13.80 -16.84 -14.53
C MET A 1 14.33 -15.59 -15.23
N PHE A 2 14.96 -14.73 -14.44
CA PHE A 2 15.57 -13.49 -14.94
C PHE A 2 16.88 -13.23 -14.24
N GLU A 3 17.91 -12.94 -15.03
CA GLU A 3 19.24 -12.64 -14.51
C GLU A 3 19.93 -11.71 -15.49
N ALA A 4 20.33 -10.53 -15.01
CA ALA A 4 21.02 -9.55 -15.83
C ALA A 4 22.30 -9.14 -15.12
N ARG A 5 23.38 -9.03 -15.89
CA ARG A 5 24.70 -8.73 -15.37
C ARG A 5 25.30 -7.56 -16.13
N LEU A 6 25.56 -6.47 -15.40
CA LEU A 6 26.16 -5.26 -15.95
C LEU A 6 27.48 -5.03 -15.22
N VAL A 7 28.57 -4.97 -15.98
CA VAL A 7 29.89 -4.80 -15.38
C VAL A 7 30.04 -3.38 -14.84
N GLN A 8 29.88 -2.39 -15.71
CA GLN A 8 29.98 -1.00 -15.29
C GLN A 8 28.71 -0.61 -14.54
N GLY A 9 28.57 -1.10 -13.31
CA GLY A 9 27.32 -0.94 -12.56
C GLY A 9 26.99 0.47 -12.13
N SER A 10 27.94 1.42 -12.26
CA SER A 10 27.67 2.81 -11.94
C SER A 10 26.43 3.37 -12.63
N ILE A 11 26.15 2.90 -13.86
CA ILE A 11 24.97 3.38 -14.58
C ILE A 11 23.69 3.13 -13.77
N LEU A 12 23.56 1.95 -13.18
CA LEU A 12 22.36 1.65 -12.40
C LEU A 12 22.25 2.56 -11.18
N LYS A 13 23.36 2.76 -10.46
CA LYS A 13 23.38 3.68 -9.34
C LYS A 13 22.91 5.06 -9.76
N LYS A 14 23.44 5.57 -10.86
CA LYS A 14 23.07 6.92 -11.31
C LYS A 14 21.62 6.97 -11.77
N VAL A 15 21.13 5.90 -12.39
CA VAL A 15 19.73 5.87 -12.82
C VAL A 15 18.80 5.99 -11.61
N LEU A 16 19.04 5.19 -10.58
CA LEU A 16 18.19 5.26 -9.41
C LEU A 16 18.35 6.59 -8.68
N GLU A 17 19.57 7.15 -8.65
CA GLU A 17 19.73 8.47 -8.07
C GLU A 17 18.96 9.52 -8.87
N ALA A 18 18.81 9.30 -10.18
CA ALA A 18 18.05 10.22 -11.01
C ALA A 18 16.55 10.07 -10.80
N LEU A 19 16.09 8.85 -10.50
CA LEU A 19 14.66 8.59 -10.39
C LEU A 19 14.12 8.57 -8.97
N LYS A 20 14.99 8.69 -7.96
CA LYS A 20 14.53 8.52 -6.58
C LYS A 20 13.70 9.69 -6.08
N ASP A 21 13.95 10.92 -6.56
CA ASP A 21 13.27 12.09 -6.02
C ASP A 21 11.97 12.42 -6.75
N LEU A 22 11.60 11.65 -7.76
CA LEU A 22 10.34 11.83 -8.49
C LEU A 22 9.34 10.74 -8.19
N ILE A 23 9.75 9.48 -8.30
CA ILE A 23 8.87 8.34 -8.13
C ILE A 23 9.25 7.64 -6.82
N ASN A 24 8.25 7.16 -6.10
CA ASN A 24 8.53 6.37 -4.91
C ASN A 24 8.54 4.89 -5.24
N GLU A 25 7.50 4.42 -5.92
CA GLU A 25 7.39 3.05 -6.39
C GLU A 25 7.05 3.08 -7.88
N ALA A 26 7.64 2.14 -8.62
CA ALA A 26 7.45 2.05 -10.06
C ALA A 26 7.56 0.59 -10.46
N CYS A 27 6.85 0.23 -11.53
CA CYS A 27 6.90 -1.13 -12.05
C CYS A 27 7.94 -1.24 -13.16
N TRP A 28 8.83 -2.21 -13.02
CA TRP A 28 9.86 -2.51 -13.98
C TRP A 28 9.32 -3.69 -14.78
N ASP A 29 8.80 -3.44 -15.97
CA ASP A 29 8.30 -4.51 -16.83
C ASP A 29 9.49 -5.15 -17.51
N ILE A 30 10.03 -6.19 -16.87
CA ILE A 30 11.20 -6.88 -17.39
C ILE A 30 10.74 -7.83 -18.50
N SER A 31 11.12 -7.51 -19.74
CA SER A 31 10.78 -8.35 -20.87
C SER A 31 12.00 -9.15 -21.30
N SER A 32 12.05 -9.52 -22.57
CA SER A 32 13.17 -10.27 -23.12
C SER A 32 14.10 -9.41 -23.98
N SER A 33 13.60 -8.30 -24.51
CA SER A 33 14.42 -7.37 -25.27
C SER A 33 15.11 -6.34 -24.40
N GLY A 34 14.79 -6.28 -23.12
CA GLY A 34 15.44 -5.33 -22.23
C GLY A 34 14.57 -5.00 -21.03
N VAL A 35 14.94 -3.91 -20.36
CA VAL A 35 14.25 -3.38 -19.20
C VAL A 35 13.63 -2.05 -19.59
N ASN A 36 12.37 -1.87 -19.20
CA ASN A 36 11.65 -0.63 -19.45
C ASN A 36 11.03 -0.15 -18.14
N LEU A 37 10.80 1.16 -18.07
CA LEU A 37 10.05 1.75 -16.98
C LEU A 37 9.28 2.93 -17.53
N GLN A 38 8.04 3.09 -17.07
CA GLN A 38 7.19 4.18 -17.53
C GLN A 38 6.25 4.56 -16.40
N SER A 39 6.30 5.82 -15.98
CA SER A 39 5.49 6.25 -14.85
C SER A 39 5.31 7.76 -14.92
N MET A 40 4.44 8.27 -14.07
CA MET A 40 4.25 9.70 -13.93
C MET A 40 4.75 10.12 -12.55
N ASP A 41 4.87 11.42 -12.35
CA ASP A 41 5.43 11.89 -11.09
C ASP A 41 4.43 11.70 -9.96
N SER A 42 4.91 11.87 -8.73
CA SER A 42 4.05 11.84 -7.56
C SER A 42 3.03 12.98 -7.56
N SER A 43 3.12 13.91 -8.50
CA SER A 43 2.20 15.04 -8.57
C SER A 43 1.42 15.11 -9.88
N HIS A 44 1.49 14.07 -10.71
CA HIS A 44 0.82 14.03 -12.01
C HIS A 44 1.09 15.29 -12.83
N VAL A 45 2.38 15.61 -12.97
CA VAL A 45 2.79 16.76 -13.77
C VAL A 45 3.84 16.41 -14.81
N SER A 46 4.59 15.32 -14.65
CA SER A 46 5.65 14.94 -15.56
C SER A 46 5.58 13.44 -15.79
N LEU A 47 6.28 12.99 -16.83
CA LEU A 47 6.29 11.59 -17.23
C LEU A 47 7.74 11.15 -17.39
N VAL A 48 8.09 10.01 -16.79
CA VAL A 48 9.43 9.46 -16.89
C VAL A 48 9.34 8.12 -17.61
N GLN A 49 10.24 7.90 -18.58
CA GLN A 49 10.34 6.60 -19.22
C GLN A 49 11.80 6.25 -19.41
N LEU A 50 12.23 5.19 -18.74
CA LEU A 50 13.59 4.67 -18.83
C LEU A 50 13.64 3.44 -19.72
N THR A 51 14.65 3.35 -20.57
CA THR A 51 14.82 2.20 -21.45
C THR A 51 16.28 1.77 -21.41
N LEU A 52 16.50 0.51 -21.05
CA LEU A 52 17.81 -0.12 -21.11
C LEU A 52 17.62 -1.38 -21.95
N ARG A 53 18.46 -1.59 -22.93
CA ARG A 53 18.22 -2.68 -23.86
C ARG A 53 19.10 -3.88 -23.50
N SER A 54 18.54 -5.07 -23.73
CA SER A 54 19.23 -6.30 -23.33
C SER A 54 20.60 -6.40 -23.98
N GLU A 55 20.70 -5.95 -25.24
CA GLU A 55 21.99 -5.93 -25.93
C GLU A 55 23.04 -5.14 -25.16
N GLY A 56 22.61 -4.14 -24.39
CA GLY A 56 23.53 -3.30 -23.64
C GLY A 56 24.07 -3.91 -22.35
N PHE A 57 23.51 -5.03 -21.91
CA PHE A 57 24.02 -5.71 -20.73
C PHE A 57 25.15 -6.67 -21.12
N ASP A 58 25.93 -7.07 -20.13
CA ASP A 58 26.99 -8.03 -20.37
C ASP A 58 26.53 -9.48 -20.22
N THR A 59 25.45 -9.73 -19.49
CA THR A 59 24.85 -11.06 -19.51
C THR A 59 23.37 -10.90 -19.17
N TYR A 60 22.53 -10.82 -20.20
CA TYR A 60 21.09 -10.71 -20.01
C TYR A 60 20.44 -12.06 -20.28
N ARG A 61 19.43 -12.39 -19.49
CA ARG A 61 18.73 -13.66 -19.64
C ARG A 61 17.35 -13.54 -19.02
N CYS A 62 16.31 -13.66 -19.85
CA CYS A 62 14.94 -13.61 -19.37
C CYS A 62 14.14 -14.70 -20.07
N ASP A 63 13.23 -15.31 -19.33
CA ASP A 63 12.42 -16.43 -19.81
C ASP A 63 10.94 -16.10 -19.92
N ARG A 64 10.42 -15.29 -19.00
CA ARG A 64 9.03 -14.88 -19.03
C ARG A 64 8.93 -13.40 -18.68
N ASN A 65 8.10 -12.68 -19.42
CA ASN A 65 7.90 -11.25 -19.16
C ASN A 65 7.39 -11.07 -17.73
N LEU A 66 8.06 -10.20 -16.97
CA LEU A 66 7.74 -10.01 -15.56
C LEU A 66 7.62 -8.52 -15.28
N ALA A 67 6.88 -8.19 -14.20
CA ALA A 67 6.57 -6.80 -13.82
C ALA A 67 6.84 -6.58 -12.34
N MET A 68 8.04 -6.11 -12.01
CA MET A 68 8.44 -5.93 -10.61
C MET A 68 7.99 -4.57 -10.08
N GLY A 69 7.12 -4.58 -9.06
CA GLY A 69 6.75 -3.31 -8.46
C GLY A 69 7.69 -2.98 -7.32
N VAL A 70 8.56 -1.98 -7.51
CA VAL A 70 9.66 -1.72 -6.59
C VAL A 70 9.50 -0.32 -6.00
N ASN A 71 9.82 -0.18 -4.72
CA ASN A 71 9.91 1.13 -4.08
C ASN A 71 11.27 1.72 -4.41
N LEU A 72 11.29 2.67 -5.34
CA LEU A 72 12.55 3.24 -5.83
C LEU A 72 13.40 3.81 -4.70
N THR A 73 12.78 4.37 -3.66
CA THR A 73 13.54 4.88 -2.53
C THR A 73 14.35 3.76 -1.88
N SER A 74 13.69 2.61 -1.62
CA SER A 74 14.40 1.47 -1.05
C SER A 74 15.47 0.95 -2.00
N MET A 75 15.17 0.86 -3.29
CA MET A 75 16.15 0.41 -4.26
C MET A 75 17.39 1.30 -4.26
N SER A 76 17.19 2.62 -4.22
CA SER A 76 18.32 3.54 -4.19
C SER A 76 19.09 3.42 -2.88
N LYS A 77 18.39 3.25 -1.76
CA LYS A 77 19.06 3.03 -0.48
C LYS A 77 19.95 1.80 -0.55
N ILE A 78 19.47 0.74 -1.20
CA ILE A 78 20.28 -0.48 -1.33
C ILE A 78 21.45 -0.24 -2.28
N LEU A 79 21.21 0.46 -3.39
CA LEU A 79 22.25 0.68 -4.39
C LEU A 79 23.37 1.60 -3.91
N LYS A 80 23.11 2.44 -2.91
CA LYS A 80 24.17 3.26 -2.34
C LYS A 80 25.21 2.40 -1.63
N CYS A 81 24.89 1.15 -1.31
CA CYS A 81 25.81 0.24 -0.65
C CYS A 81 26.84 -0.36 -1.59
N ALA A 82 26.81 -0.01 -2.87
CA ALA A 82 27.74 -0.52 -3.86
C ALA A 82 28.73 0.55 -4.27
N GLY A 83 29.98 0.14 -4.50
CA GLY A 83 30.96 1.04 -5.04
C GLY A 83 30.74 1.26 -6.53
N ASN A 84 31.43 2.26 -7.05
CA ASN A 84 31.27 2.64 -8.44
C ASN A 84 32.04 1.75 -9.41
N GLU A 85 32.77 0.75 -8.92
CA GLU A 85 33.49 -0.19 -9.78
C GLU A 85 32.95 -1.61 -9.70
N ASP A 86 31.86 -1.84 -8.98
CA ASP A 86 31.31 -3.18 -8.85
C ASP A 86 30.58 -3.62 -10.12
N ILE A 87 30.34 -4.93 -10.20
CA ILE A 87 29.57 -5.57 -11.24
C ILE A 87 28.22 -5.93 -10.63
N ILE A 88 27.15 -5.32 -11.12
CA ILE A 88 25.84 -5.43 -10.52
C ILE A 88 24.99 -6.40 -11.34
N THR A 89 24.33 -7.32 -10.65
CA THR A 89 23.47 -8.30 -11.30
C THR A 89 22.11 -8.28 -10.62
N LEU A 90 21.06 -8.17 -11.43
CA LEU A 90 19.68 -8.26 -10.99
C LEU A 90 19.18 -9.68 -11.23
N ARG A 91 18.36 -10.17 -10.31
CA ARG A 91 17.85 -11.53 -10.45
C ARG A 91 16.44 -11.62 -9.89
N ALA A 92 15.60 -12.40 -10.57
CA ALA A 92 14.23 -12.63 -10.15
C ALA A 92 13.82 -14.03 -10.58
N GLU A 93 13.27 -14.80 -9.65
CA GLU A 93 12.83 -16.15 -9.96
C GLU A 93 11.53 -16.11 -10.78
N ASP A 94 11.00 -17.29 -11.08
CA ASP A 94 9.74 -17.37 -11.80
C ASP A 94 8.62 -16.69 -11.02
N ASN A 95 8.45 -17.08 -9.75
CA ASN A 95 7.53 -16.39 -8.86
C ASN A 95 8.17 -15.08 -8.43
N ALA A 96 7.58 -13.95 -8.86
CA ALA A 96 8.15 -12.63 -8.61
C ALA A 96 7.79 -12.17 -7.20
N ASP A 97 8.44 -12.79 -6.23
CA ASP A 97 8.21 -12.47 -4.82
C ASP A 97 9.20 -11.42 -4.31
N THR A 98 10.48 -11.61 -4.60
CA THR A 98 11.54 -10.73 -4.11
C THR A 98 12.58 -10.56 -5.21
N LEU A 99 13.15 -9.36 -5.31
CA LEU A 99 14.18 -9.08 -6.32
C LEU A 99 15.55 -9.06 -5.65
N ALA A 100 16.52 -9.68 -6.31
CA ALA A 100 17.86 -9.85 -5.77
C ALA A 100 18.85 -8.95 -6.50
N LEU A 101 19.66 -8.23 -5.74
CA LEU A 101 20.72 -7.37 -6.26
C LEU A 101 22.04 -7.92 -5.75
N VAL A 102 22.97 -8.19 -6.64
CA VAL A 102 24.27 -8.76 -6.28
C VAL A 102 25.38 -7.86 -6.80
N PHE A 103 26.27 -7.46 -5.89
CA PHE A 103 27.38 -6.58 -6.17
C PHE A 103 28.68 -7.38 -6.06
N GLU A 104 29.42 -7.49 -7.15
CA GLU A 104 30.73 -8.11 -7.14
C GLU A 104 31.80 -7.02 -7.19
N ALA A 105 32.80 -7.13 -6.35
CA ALA A 105 33.83 -6.10 -6.40
C ALA A 105 34.87 -6.44 -7.47
N PRO A 106 35.65 -5.44 -7.93
CA PRO A 106 36.73 -5.76 -8.88
C PRO A 106 37.70 -6.78 -8.33
N ASN A 107 38.04 -6.67 -7.05
CA ASN A 107 38.73 -7.71 -6.31
C ASN A 107 37.68 -8.66 -5.76
N GLN A 108 37.97 -9.96 -5.82
CA GLN A 108 36.98 -10.96 -5.39
C GLN A 108 36.68 -10.94 -3.90
N GLU A 109 37.27 -10.02 -3.14
CA GLU A 109 37.08 -10.02 -1.69
C GLU A 109 35.66 -9.66 -1.29
N LYS A 110 35.10 -8.61 -1.88
CA LYS A 110 33.81 -8.07 -1.45
C LYS A 110 32.72 -8.56 -2.39
N VAL A 111 31.69 -9.19 -1.82
CA VAL A 111 30.50 -9.61 -2.56
C VAL A 111 29.29 -9.34 -1.69
N SER A 112 28.38 -8.50 -2.17
CA SER A 112 27.18 -8.14 -1.42
C SER A 112 25.94 -8.67 -2.13
N ASP A 113 25.01 -9.27 -1.39
CA ASP A 113 23.79 -9.81 -1.98
C ASP A 113 22.58 -9.39 -1.16
N TYR A 114 21.83 -8.42 -1.65
CA TYR A 114 20.62 -7.94 -1.02
C TYR A 114 19.40 -8.46 -1.77
N GLU A 115 18.27 -8.51 -1.07
CA GLU A 115 17.01 -8.96 -1.65
C GLU A 115 15.89 -8.12 -1.07
N MET A 116 15.15 -7.44 -1.94
CA MET A 116 14.12 -6.50 -1.52
C MET A 116 12.74 -7.04 -1.87
N LYS A 117 11.80 -6.81 -0.93
CA LYS A 117 10.42 -7.26 -1.07
C LYS A 117 9.71 -6.50 -2.18
N LEU A 118 9.17 -7.24 -3.14
CA LEU A 118 8.43 -6.70 -4.27
C LEU A 118 6.98 -6.42 -3.91
N MET A 119 6.28 -5.80 -4.85
CA MET A 119 4.87 -5.50 -4.73
C MET A 119 4.22 -5.71 -6.08
N ASP A 120 2.96 -6.12 -6.08
CA ASP A 120 2.20 -6.22 -7.31
C ASP A 120 1.69 -4.84 -7.68
N LEU A 121 1.61 -4.58 -8.97
CA LEU A 121 1.25 -3.24 -9.42
C LEU A 121 0.69 -3.32 -10.83
N ASP A 122 -0.48 -2.72 -11.04
CA ASP A 122 -1.06 -2.67 -12.37
C ASP A 122 -0.53 -1.41 -13.05
N VAL A 123 -0.14 -1.55 -14.31
CA VAL A 123 0.57 -0.50 -15.03
C VAL A 123 -0.42 0.26 -15.91
N GLU A 124 -0.79 1.47 -15.48
CA GLU A 124 -1.55 2.38 -16.32
C GLU A 124 -0.56 3.06 -17.23
N GLN A 125 -0.24 2.41 -18.35
CA GLN A 125 0.80 2.90 -19.24
C GLN A 125 0.21 3.85 -20.27
N LEU A 126 0.88 4.98 -20.46
CA LEU A 126 0.48 6.00 -21.42
C LEU A 126 1.33 5.85 -22.68
N GLY A 127 0.68 5.57 -23.80
CA GLY A 127 1.39 5.51 -25.07
C GLY A 127 1.75 6.91 -25.53
N ILE A 128 3.02 7.16 -25.76
CA ILE A 128 3.50 8.48 -26.18
C ILE A 128 3.66 8.44 -27.70
N PRO A 129 2.87 9.18 -28.46
CA PRO A 129 3.03 9.18 -29.92
C PRO A 129 4.37 9.78 -30.32
N GLU A 130 5.08 9.07 -31.19
CA GLU A 130 6.34 9.57 -31.73
C GLU A 130 6.04 10.47 -32.92
N GLN A 131 6.10 11.78 -32.71
CA GLN A 131 5.97 12.74 -33.80
C GLN A 131 7.32 13.40 -34.05
N GLU A 132 7.38 14.21 -35.10
CA GLU A 132 8.56 15.02 -35.36
C GLU A 132 8.33 16.40 -34.75
N TYR A 133 9.30 16.84 -33.96
CA TYR A 133 9.17 18.08 -33.21
C TYR A 133 9.76 19.26 -33.97
N SER A 134 9.23 20.44 -33.67
CA SER A 134 9.70 21.68 -34.29
C SER A 134 11.18 21.91 -34.00
N CYS A 135 11.55 22.02 -32.73
CA CYS A 135 12.93 22.28 -32.36
C CYS A 135 13.56 21.10 -31.65
N VAL A 136 14.82 20.83 -31.97
CA VAL A 136 15.63 19.82 -31.29
C VAL A 136 16.98 20.45 -31.02
N VAL A 137 17.29 20.71 -29.75
CA VAL A 137 18.55 21.30 -29.34
C VAL A 137 19.36 20.22 -28.64
N LYS A 138 20.63 20.09 -29.01
CA LYS A 138 21.54 19.16 -28.36
C LYS A 138 22.64 19.99 -27.72
N MET A 139 22.71 19.96 -26.39
CA MET A 139 23.64 20.83 -25.67
C MET A 139 24.36 20.07 -24.56
N PRO A 140 25.35 20.67 -23.89
CA PRO A 140 25.97 19.98 -22.75
C PRO A 140 24.99 19.76 -21.60
N SER A 141 25.10 18.58 -20.98
CA SER A 141 24.26 18.28 -19.83
C SER A 141 24.54 19.22 -18.67
N GLY A 142 25.82 19.37 -18.31
CA GLY A 142 26.18 20.24 -17.21
C GLY A 142 25.79 21.68 -17.45
N GLU A 143 25.88 22.13 -18.70
CA GLU A 143 25.48 23.50 -19.01
C GLU A 143 24.00 23.69 -18.76
N PHE A 144 23.18 22.76 -19.25
CA PHE A 144 21.73 22.80 -19.00
C PHE A 144 21.43 22.82 -17.50
N ALA A 145 22.12 21.97 -16.74
CA ALA A 145 21.91 21.93 -15.30
C ALA A 145 22.23 23.28 -14.66
N ARG A 146 23.34 23.89 -15.07
CA ARG A 146 23.69 25.22 -14.57
C ARG A 146 22.62 26.24 -14.92
N ILE A 147 22.10 26.19 -16.16
CA ILE A 147 21.04 27.12 -16.56
C ILE A 147 19.84 27.01 -15.63
N CYS A 148 19.38 25.77 -15.42
CA CYS A 148 18.20 25.55 -14.59
C CYS A 148 18.43 26.01 -13.15
N ARG A 149 19.57 25.61 -12.58
CA ARG A 149 19.87 26.00 -11.19
C ARG A 149 19.93 27.51 -11.05
N ASP A 150 20.64 28.18 -11.96
CA ASP A 150 20.75 29.63 -11.90
C ASP A 150 19.39 30.30 -12.00
N LEU A 151 18.58 29.90 -12.98
CA LEU A 151 17.27 30.52 -13.16
C LEU A 151 16.29 30.20 -12.05
N SER A 152 16.53 29.14 -11.26
CA SER A 152 15.60 28.83 -10.17
C SER A 152 15.58 29.92 -9.10
N HIS A 153 16.69 30.63 -8.90
CA HIS A 153 16.73 31.67 -7.88
C HIS A 153 16.05 32.98 -8.29
N ILE A 154 15.71 33.14 -9.58
CA ILE A 154 15.05 34.36 -10.04
C ILE A 154 13.54 34.21 -9.86
N GLY A 155 12.93 33.40 -10.72
CA GLY A 155 11.50 33.12 -10.60
C GLY A 155 11.23 31.65 -10.45
N ASP A 156 10.02 31.21 -10.83
CA ASP A 156 9.65 29.81 -10.76
C ASP A 156 9.26 29.23 -12.11
N ALA A 157 9.35 30.01 -13.18
CA ALA A 157 8.98 29.56 -14.52
C ALA A 157 10.05 30.02 -15.51
N VAL A 158 10.37 29.15 -16.47
CA VAL A 158 11.37 29.44 -17.48
C VAL A 158 10.67 29.53 -18.82
N VAL A 159 11.13 30.45 -19.66
CA VAL A 159 10.61 30.61 -21.02
C VAL A 159 11.73 30.25 -21.97
N ILE A 160 11.61 29.10 -22.61
CA ILE A 160 12.57 28.68 -23.63
C ILE A 160 12.09 29.20 -24.97
N SER A 161 12.97 29.89 -25.68
CA SER A 161 12.65 30.46 -26.99
C SER A 161 13.66 29.92 -27.98
N CYS A 162 13.40 28.72 -28.48
CA CYS A 162 14.20 28.18 -29.57
C CYS A 162 14.03 29.04 -30.80
N ALA A 163 15.14 29.31 -31.49
CA ALA A 163 15.09 30.06 -32.72
C ALA A 163 16.19 29.59 -33.66
N LYS A 164 16.11 30.09 -34.89
CA LYS A 164 17.13 29.82 -35.89
C LYS A 164 18.51 30.28 -35.42
N ASP A 165 18.58 31.49 -34.87
CA ASP A 165 19.86 32.06 -34.48
C ASP A 165 20.43 31.37 -33.24
N GLY A 166 19.67 31.37 -32.16
CA GLY A 166 20.12 30.75 -30.92
C GLY A 166 18.95 30.44 -30.03
N VAL A 167 19.26 29.98 -28.82
CA VAL A 167 18.24 29.60 -27.84
C VAL A 167 18.35 30.51 -26.62
N LYS A 168 17.21 30.95 -26.10
CA LYS A 168 17.17 31.89 -24.99
C LYS A 168 16.31 31.33 -23.87
N PHE A 169 16.82 31.41 -22.64
CA PHE A 169 16.11 30.96 -21.45
C PHE A 169 15.91 32.18 -20.56
N SER A 170 14.66 32.46 -20.21
CA SER A 170 14.33 33.64 -19.42
C SER A 170 13.46 33.25 -18.22
N ALA A 171 13.52 34.10 -17.20
CA ALA A 171 12.72 33.93 -15.99
C ALA A 171 12.53 35.30 -15.35
N SER A 172 11.49 35.40 -14.51
CA SER A 172 11.18 36.66 -13.85
C SER A 172 10.50 36.37 -12.52
N GLY A 173 10.86 37.14 -11.50
CA GLY A 173 10.25 37.02 -10.19
C GLY A 173 10.23 38.32 -9.42
N GLU A 174 9.89 38.23 -8.12
CA GLU A 174 9.76 39.42 -7.28
C GLU A 174 10.96 40.35 -7.35
N LEU A 175 12.16 39.80 -7.53
CA LEU A 175 13.39 40.59 -7.49
C LEU A 175 13.90 40.96 -8.88
N GLY A 176 13.05 40.89 -9.89
CA GLY A 176 13.45 41.26 -11.24
C GLY A 176 13.49 40.05 -12.17
N ASN A 177 14.05 40.28 -13.35
CA ASN A 177 14.08 39.24 -14.37
C ASN A 177 15.51 39.00 -14.87
N GLY A 178 15.68 37.87 -15.53
CA GLY A 178 16.95 37.54 -16.16
C GLY A 178 16.71 36.69 -17.39
N ASN A 179 17.63 36.78 -18.34
CA ASN A 179 17.53 36.00 -19.57
C ASN A 179 18.93 35.76 -20.10
N ILE A 180 19.18 34.53 -20.54
CA ILE A 180 20.49 34.12 -21.04
C ILE A 180 20.34 33.48 -22.41
N LYS A 181 21.26 33.80 -23.31
CA LYS A 181 21.19 33.35 -24.70
C LYS A 181 22.43 32.56 -25.07
N LEU A 182 22.21 31.41 -25.73
CA LEU A 182 23.27 30.56 -26.24
C LEU A 182 23.19 30.51 -27.76
N SER A 183 24.36 30.33 -28.39
CA SER A 183 24.48 30.27 -29.84
C SER A 183 25.27 29.01 -30.21
N GLN A 184 25.04 28.53 -31.42
CA GLN A 184 25.76 27.38 -31.93
C GLN A 184 27.26 27.66 -31.96
N THR A 185 28.03 26.83 -31.27
CA THR A 185 29.46 27.04 -31.23
C THR A 185 30.07 26.68 -32.58
N SER A 186 31.19 27.33 -32.87
CA SER A 186 31.95 27.03 -34.08
C SER A 186 32.26 25.54 -34.10
N ASN A 187 32.10 24.93 -35.27
CA ASN A 187 32.14 23.48 -35.42
C ASN A 187 33.56 22.98 -35.19
N VAL A 188 33.94 22.90 -33.91
CA VAL A 188 35.27 22.41 -33.57
C VAL A 188 35.37 20.94 -33.94
N ASP A 189 34.35 20.17 -33.56
CA ASP A 189 34.20 18.74 -33.79
C ASP A 189 33.06 18.27 -32.90
N LYS A 190 33.00 16.97 -32.62
CA LYS A 190 32.10 16.45 -31.60
C LYS A 190 32.79 16.62 -30.24
N GLU A 191 32.95 17.89 -29.85
CA GLU A 191 33.62 18.30 -28.62
C GLU A 191 32.58 18.43 -27.51
N GLU A 192 32.39 17.37 -26.74
CA GLU A 192 31.67 17.46 -25.47
C GLU A 192 30.33 18.17 -25.64
N GLU A 193 29.38 17.51 -26.32
CA GLU A 193 28.11 18.13 -26.68
C GLU A 193 28.27 19.55 -27.19
N ALA A 194 28.76 19.76 -28.41
CA ALA A 194 28.64 21.09 -28.99
C ALA A 194 27.16 21.42 -29.17
N VAL A 195 26.79 22.67 -28.89
CA VAL A 195 25.39 23.06 -28.98
C VAL A 195 24.98 23.08 -30.45
N THR A 196 24.08 22.16 -30.82
CA THR A 196 23.51 22.07 -32.16
C THR A 196 22.00 22.27 -32.08
N ILE A 197 21.50 23.35 -32.68
CA ILE A 197 20.07 23.62 -32.70
C ILE A 197 19.56 23.27 -34.09
N GLU A 198 18.76 22.21 -34.18
CA GLU A 198 18.07 21.84 -35.41
C GLU A 198 16.67 22.41 -35.31
N MET A 199 16.40 23.44 -36.10
CA MET A 199 15.15 24.16 -36.08
C MET A 199 14.31 23.80 -37.29
N ASN A 200 13.02 23.58 -37.07
CA ASN A 200 12.06 23.36 -38.12
C ASN A 200 11.05 24.49 -38.22
N GLU A 201 10.59 24.98 -37.07
CA GLU A 201 9.80 26.19 -36.92
C GLU A 201 10.23 26.85 -35.63
N PRO A 202 10.15 28.18 -35.53
CA PRO A 202 10.47 28.84 -34.26
C PRO A 202 9.44 28.51 -33.20
N VAL A 203 9.89 28.48 -31.95
CA VAL A 203 9.11 27.96 -30.84
C VAL A 203 9.38 28.82 -29.60
N GLN A 204 8.36 28.98 -28.77
CA GLN A 204 8.52 29.63 -27.47
C GLN A 204 7.39 29.17 -26.57
N LEU A 205 7.75 28.62 -25.41
CA LEU A 205 6.79 28.09 -24.45
C LEU A 205 7.33 28.35 -23.04
N THR A 206 6.51 28.03 -22.05
CA THR A 206 6.83 28.27 -20.65
C THR A 206 6.73 26.96 -19.88
N PHE A 207 7.64 26.77 -18.93
CA PHE A 207 7.69 25.54 -18.16
C PHE A 207 7.97 25.86 -16.70
N ALA A 208 7.69 24.89 -15.83
CA ALA A 208 7.97 25.01 -14.41
C ALA A 208 9.38 24.52 -14.10
N LEU A 209 10.08 25.30 -13.27
CA LEU A 209 11.49 25.01 -13.00
C LEU A 209 11.68 23.86 -12.01
N ARG A 210 10.71 23.65 -11.11
CA ARG A 210 10.83 22.58 -10.13
C ARG A 210 11.06 21.23 -10.77
N TYR A 211 10.19 20.87 -11.72
CA TYR A 211 10.31 19.57 -12.37
C TYR A 211 11.52 19.52 -13.29
N LEU A 212 11.95 20.66 -13.84
CA LEU A 212 13.17 20.67 -14.64
C LEU A 212 14.39 20.37 -13.79
N ASN A 213 14.43 20.93 -12.58
CA ASN A 213 15.52 20.62 -11.65
C ASN A 213 15.44 19.18 -11.17
N PHE A 214 14.22 18.63 -11.07
CA PHE A 214 14.07 17.20 -10.86
C PHE A 214 14.69 16.40 -11.99
N PHE A 215 14.42 16.81 -13.23
CA PHE A 215 14.95 16.09 -14.40
C PHE A 215 16.46 16.11 -14.43
N THR A 216 17.07 17.26 -14.14
CA THR A 216 18.52 17.39 -14.28
C THR A 216 19.31 16.51 -13.31
N LYS A 217 18.66 15.74 -12.45
CA LYS A 217 19.37 14.79 -11.61
C LYS A 217 19.97 13.63 -12.39
N ALA A 218 19.63 13.49 -13.68
CA ALA A 218 20.23 12.49 -14.54
C ALA A 218 21.42 13.04 -15.31
N THR A 219 21.98 14.18 -14.88
CA THR A 219 23.12 14.77 -15.58
C THR A 219 24.35 13.85 -15.59
N PRO A 220 24.78 13.22 -14.48
CA PRO A 220 25.98 12.38 -14.54
C PRO A 220 25.81 11.16 -15.42
N LEU A 221 24.61 10.97 -15.97
CA LEU A 221 24.31 9.77 -16.74
C LEU A 221 24.83 9.90 -18.17
N SER A 222 24.70 11.09 -18.77
CA SER A 222 25.22 11.35 -20.11
C SER A 222 26.03 12.63 -20.09
N SER A 223 26.74 12.87 -21.20
CA SER A 223 27.48 14.10 -21.39
C SER A 223 26.78 15.06 -22.34
N THR A 224 25.66 14.64 -22.94
CA THR A 224 24.89 15.45 -23.86
C THR A 224 23.43 15.31 -23.48
N VAL A 225 22.68 16.40 -23.59
CA VAL A 225 21.25 16.39 -23.33
C VAL A 225 20.53 16.89 -24.57
N THR A 226 19.39 16.27 -24.89
CA THR A 226 18.61 16.69 -26.06
C THR A 226 17.25 17.19 -25.61
N LEU A 227 16.99 18.46 -25.85
CA LEU A 227 15.70 19.10 -25.58
C LEU A 227 14.92 19.16 -26.90
N SER A 228 13.81 18.45 -26.97
CA SER A 228 12.99 18.43 -28.17
C SER A 228 11.59 18.94 -27.82
N MET A 229 11.04 19.80 -28.68
CA MET A 229 9.79 20.44 -28.32
C MET A 229 9.06 20.97 -29.56
N SER A 230 7.75 21.15 -29.38
CA SER A 230 6.87 21.80 -30.32
C SER A 230 5.75 22.47 -29.54
N ALA A 231 4.97 23.30 -30.24
CA ALA A 231 3.94 24.08 -29.57
C ALA A 231 2.85 23.19 -28.99
N ASP A 232 2.48 23.45 -27.74
CA ASP A 232 1.35 22.81 -27.07
C ASP A 232 1.49 21.28 -27.02
N VAL A 233 2.72 20.78 -26.99
CA VAL A 233 2.97 19.36 -26.78
C VAL A 233 4.00 19.24 -25.65
N PRO A 234 4.11 18.06 -25.04
CA PRO A 234 5.07 17.91 -23.94
C PRO A 234 6.50 18.04 -24.41
N LEU A 235 7.29 18.77 -23.63
CA LEU A 235 8.73 18.86 -23.86
C LEU A 235 9.39 17.54 -23.51
N VAL A 236 10.36 17.14 -24.33
CA VAL A 236 11.10 15.91 -24.11
C VAL A 236 12.55 16.25 -23.78
N VAL A 237 13.02 15.75 -22.65
CA VAL A 237 14.41 15.86 -22.23
C VAL A 237 14.99 14.46 -22.28
N GLU A 238 15.89 14.20 -23.23
CA GLU A 238 16.45 12.87 -23.40
C GLU A 238 17.91 12.87 -22.97
N TYR A 239 18.23 11.98 -22.02
CA TYR A 239 19.61 11.66 -21.63
C TYR A 239 19.89 10.24 -22.11
N LYS A 240 20.82 10.10 -23.05
CA LYS A 240 21.13 8.79 -23.61
C LYS A 240 22.18 8.09 -22.77
N ILE A 241 21.88 6.86 -22.35
CA ILE A 241 22.89 6.01 -21.72
C ILE A 241 23.75 5.41 -22.81
N ALA A 242 25.05 5.31 -22.57
CA ALA A 242 25.98 4.86 -23.58
C ALA A 242 25.57 3.48 -24.12
N ASP A 243 25.25 3.44 -25.41
CA ASP A 243 24.86 2.22 -26.11
C ASP A 243 23.56 1.64 -25.56
N MET A 244 23.57 1.23 -24.30
CA MET A 244 22.44 0.56 -23.64
C MET A 244 21.08 1.14 -24.03
N GLY A 245 20.88 2.44 -23.82
CA GLY A 245 19.59 3.02 -24.14
C GLY A 245 19.43 4.49 -23.80
N HIS A 246 18.35 4.85 -23.13
CA HIS A 246 18.06 6.26 -22.89
C HIS A 246 17.11 6.41 -21.71
N LEU A 247 16.89 7.67 -21.34
CA LEU A 247 15.93 8.03 -20.30
C LEU A 247 15.30 9.35 -20.71
N LYS A 248 13.97 9.37 -20.82
CA LYS A 248 13.24 10.52 -21.32
C LYS A 248 12.31 11.09 -20.26
N TYR A 249 12.29 12.42 -20.16
CA TYR A 249 11.39 13.16 -19.29
C TYR A 249 10.45 14.00 -20.14
N TYR A 250 9.15 13.81 -19.97
CA TYR A 250 8.13 14.58 -20.66
C TYR A 250 7.50 15.56 -19.67
N LEU A 251 7.42 16.83 -20.05
CA LEU A 251 6.87 17.87 -19.17
C LEU A 251 5.90 18.74 -19.95
N ALA A 252 4.72 18.99 -19.35
CA ALA A 252 3.66 19.76 -19.99
C ALA A 252 3.93 21.26 -19.87
N PRO A 253 3.63 22.05 -20.90
CA PRO A 253 3.92 23.49 -20.83
C PRO A 253 3.02 24.20 -19.83
N LYS A 254 3.42 25.42 -19.49
CA LYS A 254 2.67 26.26 -18.55
C LYS A 254 1.84 27.28 -19.32
N ILE A 255 0.52 27.20 -19.15
CA ILE A 255 -0.39 28.12 -19.82
C ILE A 255 -0.94 29.12 -18.80
N GLU A 256 -1.93 29.90 -19.20
CA GLU A 256 -2.61 30.83 -18.31
C GLU A 256 -4.08 30.90 -18.69
N ASP A 257 -4.94 31.03 -17.69
CA ASP A 257 -6.38 31.04 -17.93
C ASP A 257 -6.99 32.39 -17.57
N MET B 1 -24.52 -17.39 -10.81
CA MET B 1 -24.33 -16.18 -11.60
C MET B 1 -24.31 -14.93 -10.73
N PHE B 2 -24.53 -13.79 -11.37
CA PHE B 2 -24.59 -12.49 -10.70
C PHE B 2 -25.68 -11.67 -11.36
N GLU B 3 -26.58 -11.12 -10.54
CA GLU B 3 -27.68 -10.29 -11.06
C GLU B 3 -28.10 -9.29 -10.00
N ALA B 4 -28.02 -8.00 -10.33
CA ALA B 4 -28.40 -6.93 -9.42
C ALA B 4 -29.34 -5.96 -10.13
N ARG B 5 -30.36 -5.49 -9.41
CA ARG B 5 -31.36 -4.58 -9.96
C ARG B 5 -31.45 -3.36 -9.06
N LEU B 6 -31.11 -2.18 -9.58
CA LEU B 6 -31.13 -0.94 -8.82
C LEU B 6 -32.05 0.05 -9.52
N VAL B 7 -33.07 0.53 -8.79
CA VAL B 7 -34.06 1.43 -9.38
C VAL B 7 -33.50 2.83 -9.56
N GLN B 8 -33.10 3.48 -8.46
CA GLN B 8 -32.58 4.84 -8.54
C GLN B 8 -31.16 4.83 -9.10
N GLY B 9 -31.03 4.52 -10.38
CA GLY B 9 -29.75 4.24 -11.01
C GLY B 9 -28.81 5.41 -11.15
N SER B 10 -29.27 6.65 -10.91
CA SER B 10 -28.37 7.80 -10.92
C SER B 10 -27.17 7.58 -10.01
N ILE B 11 -27.35 6.82 -8.94
CA ILE B 11 -26.26 6.56 -7.99
C ILE B 11 -25.07 5.93 -8.71
N LEU B 12 -25.31 4.90 -9.52
CA LEU B 12 -24.21 4.22 -10.20
C LEU B 12 -23.51 5.15 -11.19
N LYS B 13 -24.30 5.93 -11.96
CA LYS B 13 -23.72 6.93 -12.84
C LYS B 13 -22.79 7.86 -12.08
N LYS B 14 -23.23 8.34 -10.92
CA LYS B 14 -22.42 9.28 -10.15
C LYS B 14 -21.15 8.61 -9.63
N VAL B 15 -21.25 7.35 -9.21
CA VAL B 15 -20.06 6.63 -8.77
C VAL B 15 -19.05 6.50 -9.91
N LEU B 16 -19.51 6.07 -11.08
CA LEU B 16 -18.59 5.89 -12.20
C LEU B 16 -17.97 7.20 -12.65
N GLU B 17 -18.74 8.28 -12.64
CA GLU B 17 -18.16 9.59 -12.93
C GLU B 17 -17.17 10.01 -11.84
N ALA B 18 -17.38 9.54 -10.62
CA ALA B 18 -16.48 9.87 -9.52
C ALA B 18 -15.14 9.13 -9.64
N LEU B 19 -15.16 7.91 -10.16
CA LEU B 19 -13.94 7.10 -10.22
C LEU B 19 -13.25 7.11 -11.57
N LYS B 20 -13.82 7.78 -12.57
CA LYS B 20 -13.23 7.72 -13.91
C LYS B 20 -11.91 8.48 -13.97
N ASP B 21 -11.75 9.54 -13.18
CA ASP B 21 -10.55 10.37 -13.24
C ASP B 21 -9.46 9.92 -12.28
N LEU B 22 -9.69 8.88 -11.49
CA LEU B 22 -8.67 8.34 -10.60
C LEU B 22 -8.17 6.98 -11.04
N ILE B 23 -9.07 6.02 -11.25
CA ILE B 23 -8.70 4.67 -11.64
C ILE B 23 -9.16 4.43 -13.07
N ASN B 24 -8.30 3.81 -13.86
CA ASN B 24 -8.64 3.40 -15.22
C ASN B 24 -9.04 1.92 -15.27
N GLU B 25 -8.29 1.06 -14.59
CA GLU B 25 -8.56 -0.37 -14.56
C GLU B 25 -8.71 -0.83 -13.11
N ALA B 26 -9.72 -1.66 -12.85
CA ALA B 26 -9.92 -2.18 -11.49
C ALA B 26 -10.75 -3.45 -11.54
N CYS B 27 -10.55 -4.31 -10.57
CA CYS B 27 -11.36 -5.51 -10.48
C CYS B 27 -12.49 -5.23 -9.50
N TRP B 28 -13.67 -5.62 -9.88
CA TRP B 28 -14.88 -5.49 -9.09
C TRP B 28 -14.99 -6.83 -8.41
N ASP B 29 -14.64 -6.85 -7.11
CA ASP B 29 -14.71 -8.06 -6.29
C ASP B 29 -16.16 -8.22 -5.88
N ILE B 30 -16.92 -8.91 -6.73
CA ILE B 30 -18.33 -9.17 -6.47
C ILE B 30 -18.40 -10.38 -5.53
N SER B 31 -18.80 -10.15 -4.28
CA SER B 31 -18.93 -11.22 -3.30
C SER B 31 -20.39 -11.59 -3.09
N SER B 32 -20.69 -12.14 -1.91
CA SER B 32 -22.06 -12.50 -1.56
C SER B 32 -22.71 -11.55 -0.57
N SER B 33 -21.93 -10.82 0.23
CA SER B 33 -22.46 -9.81 1.13
C SER B 33 -22.58 -8.46 0.46
N GLY B 34 -22.06 -8.32 -0.75
CA GLY B 34 -22.16 -7.08 -1.50
C GLY B 34 -21.03 -6.99 -2.50
N VAL B 35 -20.88 -5.79 -3.07
CA VAL B 35 -19.82 -5.53 -4.04
C VAL B 35 -18.91 -4.43 -3.48
N ASN B 36 -17.61 -4.69 -3.48
CA ASN B 36 -16.64 -3.67 -3.11
C ASN B 36 -15.49 -3.69 -4.11
N LEU B 37 -14.77 -2.57 -4.17
CA LEU B 37 -13.52 -2.54 -4.92
C LEU B 37 -12.54 -1.63 -4.20
N GLN B 38 -11.26 -1.98 -4.32
CA GLN B 38 -10.17 -1.30 -3.64
C GLN B 38 -9.00 -1.27 -4.61
N SER B 39 -8.52 -0.07 -4.91
CA SER B 39 -7.48 0.07 -5.92
C SER B 39 -6.69 1.34 -5.66
N MET B 40 -5.59 1.49 -6.39
CA MET B 40 -4.76 2.67 -6.33
C MET B 40 -4.80 3.44 -7.64
N ASP B 41 -4.29 4.66 -7.61
CA ASP B 41 -4.29 5.53 -8.78
C ASP B 41 -3.20 5.11 -9.75
N SER B 42 -3.22 5.73 -10.94
CA SER B 42 -2.21 5.49 -11.96
C SER B 42 -0.79 5.85 -11.53
N SER B 43 -0.61 6.49 -10.37
CA SER B 43 0.71 6.83 -9.88
C SER B 43 1.00 6.19 -8.53
N HIS B 44 0.15 5.28 -8.06
CA HIS B 44 0.32 4.59 -6.77
C HIS B 44 0.55 5.60 -5.65
N VAL B 45 -0.36 6.56 -5.52
CA VAL B 45 -0.26 7.57 -4.48
C VAL B 45 -1.53 7.66 -3.63
N SER B 46 -2.68 7.21 -4.11
CA SER B 46 -3.92 7.30 -3.36
C SER B 46 -4.65 5.97 -3.47
N LEU B 47 -5.63 5.76 -2.58
CA LEU B 47 -6.35 4.50 -2.53
C LEU B 47 -7.84 4.76 -2.50
N VAL B 48 -8.59 4.02 -3.31
CA VAL B 48 -10.03 4.13 -3.37
C VAL B 48 -10.63 2.83 -2.85
N GLN B 49 -11.67 2.96 -2.01
CA GLN B 49 -12.43 1.81 -1.52
C GLN B 49 -13.91 2.14 -1.62
N LEU B 50 -14.61 1.47 -2.53
CA LEU B 50 -16.06 1.60 -2.64
C LEU B 50 -16.71 0.35 -2.08
N THR B 51 -17.78 0.54 -1.31
CA THR B 51 -18.51 -0.57 -0.69
C THR B 51 -20.00 -0.34 -0.86
N LEU B 52 -20.68 -1.31 -1.48
CA LEU B 52 -22.13 -1.34 -1.61
C LEU B 52 -22.60 -2.69 -1.09
N ARG B 53 -23.60 -2.69 -0.22
CA ARG B 53 -24.03 -3.92 0.43
C ARG B 53 -25.30 -4.47 -0.22
N SER B 54 -25.41 -5.80 -0.21
CA SER B 54 -26.50 -6.47 -0.90
C SER B 54 -27.87 -6.01 -0.40
N GLU B 55 -27.98 -5.76 0.90
CA GLU B 55 -29.24 -5.27 1.46
C GLU B 55 -29.69 -3.98 0.78
N GLY B 56 -28.75 -3.18 0.27
CA GLY B 56 -29.08 -1.93 -0.38
C GLY B 56 -29.60 -2.05 -1.79
N PHE B 57 -29.51 -3.23 -2.39
CA PHE B 57 -30.04 -3.44 -3.73
C PHE B 57 -31.51 -3.83 -3.66
N ASP B 58 -32.19 -3.69 -4.79
CA ASP B 58 -33.60 -4.07 -4.87
C ASP B 58 -33.79 -5.51 -5.28
N THR B 59 -32.82 -6.11 -5.97
CA THR B 59 -32.85 -7.55 -6.26
C THR B 59 -31.38 -7.99 -6.46
N TYR B 60 -30.78 -8.54 -5.41
CA TYR B 60 -29.42 -9.02 -5.45
C TYR B 60 -29.41 -10.54 -5.60
N ARG B 61 -28.44 -11.05 -6.38
CA ARG B 61 -28.33 -12.49 -6.60
C ARG B 61 -26.91 -12.81 -7.03
N CYS B 62 -26.19 -13.58 -6.20
CA CYS B 62 -24.84 -14.01 -6.51
C CYS B 62 -24.66 -15.45 -6.06
N ASP B 63 -23.90 -16.22 -6.82
CA ASP B 63 -23.68 -17.64 -6.54
C ASP B 63 -22.25 -17.98 -6.16
N ARG B 64 -21.26 -17.36 -6.82
CA ARG B 64 -19.86 -17.60 -6.53
C ARG B 64 -19.09 -16.28 -6.59
N ASN B 65 -18.19 -16.09 -5.62
CA ASN B 65 -17.36 -14.88 -5.60
C ASN B 65 -16.58 -14.75 -6.90
N LEU B 66 -16.69 -13.60 -7.54
CA LEU B 66 -15.99 -13.34 -8.79
C LEU B 66 -15.30 -12.00 -8.72
N ALA B 67 -14.29 -11.81 -9.56
CA ALA B 67 -13.50 -10.57 -9.58
C ALA B 67 -13.40 -10.13 -11.04
N MET B 68 -14.37 -9.34 -11.48
CA MET B 68 -14.44 -8.94 -12.90
C MET B 68 -13.64 -7.66 -13.13
N GLY B 69 -12.65 -7.73 -14.01
CA GLY B 69 -11.79 -6.59 -14.28
C GLY B 69 -12.34 -5.64 -15.33
N VAL B 70 -12.65 -4.42 -14.91
CA VAL B 70 -13.35 -3.44 -15.75
C VAL B 70 -12.45 -2.23 -15.99
N ASN B 71 -12.51 -1.72 -17.22
CA ASN B 71 -11.91 -0.45 -17.61
C ASN B 71 -12.91 0.64 -17.22
N LEU B 72 -12.61 1.36 -16.14
CA LEU B 72 -13.55 2.33 -15.57
C LEU B 72 -13.97 3.37 -16.59
N THR B 73 -13.06 3.78 -17.47
CA THR B 73 -13.41 4.74 -18.52
C THR B 73 -14.48 4.18 -19.45
N SER B 74 -14.29 2.94 -19.92
CA SER B 74 -15.29 2.31 -20.78
C SER B 74 -16.62 2.13 -20.06
N MET B 75 -16.56 1.71 -18.79
CA MET B 75 -17.79 1.55 -18.01
C MET B 75 -18.53 2.87 -17.90
N SER B 76 -17.82 3.97 -17.64
CA SER B 76 -18.46 5.28 -17.56
C SER B 76 -19.02 5.70 -18.91
N LYS B 77 -18.29 5.41 -20.00
CA LYS B 77 -18.79 5.71 -21.34
C LYS B 77 -20.13 5.02 -21.59
N ILE B 78 -20.24 3.76 -21.16
CA ILE B 78 -21.51 3.04 -21.34
C ILE B 78 -22.58 3.59 -20.40
N LEU B 79 -22.21 3.88 -19.15
CA LEU B 79 -23.19 4.35 -18.18
C LEU B 79 -23.72 5.75 -18.52
N LYS B 80 -22.97 6.54 -19.29
CA LYS B 80 -23.49 7.82 -19.76
C LYS B 80 -24.66 7.66 -20.72
N CYS B 81 -24.87 6.45 -21.25
CA CYS B 81 -25.96 6.18 -22.17
C CYS B 81 -27.31 6.03 -21.48
N ALA B 82 -27.35 6.09 -20.16
CA ALA B 82 -28.58 5.95 -19.40
C ALA B 82 -28.96 7.29 -18.79
N GLY B 83 -30.27 7.57 -18.72
CA GLY B 83 -30.75 8.74 -18.05
C GLY B 83 -30.70 8.59 -16.54
N ASN B 84 -30.86 9.72 -15.85
CA ASN B 84 -30.79 9.73 -14.39
C ASN B 84 -32.08 9.23 -13.73
N GLU B 85 -33.09 8.86 -14.52
CA GLU B 85 -34.32 8.27 -14.01
C GLU B 85 -34.47 6.82 -14.41
N ASP B 86 -33.47 6.24 -15.06
CA ASP B 86 -33.53 4.86 -15.51
C ASP B 86 -33.32 3.88 -14.35
N ILE B 87 -33.70 2.63 -14.59
CA ILE B 87 -33.48 1.53 -13.66
C ILE B 87 -32.41 0.63 -14.26
N ILE B 88 -31.26 0.52 -13.58
CA ILE B 88 -30.11 -0.20 -14.13
C ILE B 88 -29.97 -1.57 -13.48
N THR B 89 -29.70 -2.57 -14.31
CA THR B 89 -29.52 -3.95 -13.86
C THR B 89 -28.18 -4.46 -14.39
N LEU B 90 -27.38 -5.01 -13.49
CA LEU B 90 -26.11 -5.65 -13.79
C LEU B 90 -26.31 -7.15 -13.86
N ARG B 91 -25.63 -7.80 -14.81
CA ARG B 91 -25.73 -9.25 -14.89
C ARG B 91 -24.43 -9.82 -15.45
N ALA B 92 -24.00 -10.95 -14.88
CA ALA B 92 -22.81 -11.64 -15.35
C ALA B 92 -22.96 -13.13 -15.08
N GLU B 93 -22.75 -13.94 -16.10
CA GLU B 93 -22.82 -15.39 -15.93
C GLU B 93 -21.57 -15.89 -15.21
N ASP B 94 -21.70 -17.08 -14.62
CA ASP B 94 -20.59 -17.69 -13.87
C ASP B 94 -19.35 -17.80 -14.73
N ASN B 95 -18.29 -17.07 -14.34
CA ASN B 95 -17.02 -17.05 -15.06
C ASN B 95 -17.22 -16.60 -16.51
N ALA B 96 -17.41 -15.31 -16.71
CA ALA B 96 -17.58 -14.73 -18.04
C ALA B 96 -16.60 -13.58 -18.22
N ASP B 97 -16.46 -13.13 -19.47
CA ASP B 97 -15.59 -12.01 -19.81
C ASP B 97 -16.37 -10.84 -20.40
N THR B 98 -17.68 -10.78 -20.17
CA THR B 98 -18.51 -9.66 -20.58
C THR B 98 -19.52 -9.36 -19.49
N LEU B 99 -19.77 -8.07 -19.27
CA LEU B 99 -20.76 -7.61 -18.30
C LEU B 99 -22.00 -7.10 -19.03
N ALA B 100 -23.18 -7.42 -18.52
CA ALA B 100 -24.43 -7.05 -19.15
C ALA B 100 -25.09 -5.93 -18.36
N LEU B 101 -25.45 -4.86 -19.06
CA LEU B 101 -26.12 -3.69 -18.49
C LEU B 101 -27.48 -3.53 -19.15
N VAL B 102 -28.53 -3.42 -18.35
CA VAL B 102 -29.86 -3.21 -18.89
C VAL B 102 -30.47 -1.98 -18.24
N PHE B 103 -30.92 -1.04 -19.06
CA PHE B 103 -31.50 0.22 -18.61
C PHE B 103 -32.99 0.24 -18.96
N GLU B 104 -33.83 0.38 -17.94
CA GLU B 104 -35.26 0.55 -18.12
C GLU B 104 -35.62 2.03 -17.99
N ALA B 105 -36.49 2.48 -18.88
CA ALA B 105 -36.94 3.86 -18.90
C ALA B 105 -38.06 4.05 -17.87
N PRO B 106 -38.36 5.31 -17.51
CA PRO B 106 -39.47 5.51 -16.55
C PRO B 106 -40.76 4.88 -17.02
N ASN B 107 -41.09 5.02 -18.30
CA ASN B 107 -42.15 4.20 -18.90
C ASN B 107 -41.52 2.93 -19.47
N GLN B 108 -42.36 1.93 -19.73
CA GLN B 108 -41.88 0.63 -20.15
C GLN B 108 -41.70 0.52 -21.67
N GLU B 109 -41.88 1.61 -22.42
CA GLU B 109 -41.80 1.52 -23.88
C GLU B 109 -40.38 1.21 -24.34
N LYS B 110 -39.38 1.91 -23.80
CA LYS B 110 -38.00 1.78 -24.26
C LYS B 110 -37.19 0.96 -23.26
N VAL B 111 -36.43 -0.01 -23.76
CA VAL B 111 -35.55 -0.85 -22.95
C VAL B 111 -34.20 -0.95 -23.66
N SER B 112 -33.13 -0.59 -22.95
CA SER B 112 -31.79 -0.56 -23.52
C SER B 112 -30.96 -1.71 -22.98
N ASP B 113 -30.21 -2.36 -23.85
CA ASP B 113 -29.42 -3.55 -23.50
C ASP B 113 -28.00 -3.38 -24.04
N TYR B 114 -27.07 -3.05 -23.16
CA TYR B 114 -25.65 -2.92 -23.50
C TYR B 114 -24.87 -4.11 -22.95
N GLU B 115 -23.73 -4.36 -23.59
CA GLU B 115 -22.84 -5.45 -23.20
C GLU B 115 -21.41 -4.97 -23.35
N MET B 116 -20.66 -5.02 -22.25
CA MET B 116 -19.31 -4.49 -22.21
C MET B 116 -18.30 -5.61 -22.15
N LYS B 117 -17.23 -5.49 -22.94
CA LYS B 117 -16.17 -6.47 -22.93
C LYS B 117 -15.41 -6.36 -21.61
N LEU B 118 -15.45 -7.42 -20.81
CA LEU B 118 -14.66 -7.40 -19.60
C LEU B 118 -13.23 -7.83 -19.91
N MET B 119 -12.36 -7.68 -18.92
CA MET B 119 -10.97 -8.08 -19.05
C MET B 119 -10.50 -8.66 -17.73
N ASP B 120 -9.50 -9.54 -17.81
CA ASP B 120 -8.94 -10.12 -16.60
C ASP B 120 -7.94 -9.15 -15.96
N LEU B 121 -7.94 -9.14 -14.62
CA LEU B 121 -7.02 -8.29 -13.87
C LEU B 121 -6.95 -8.83 -12.45
N ASP B 122 -5.74 -9.17 -12.00
CA ASP B 122 -5.52 -9.65 -10.64
C ASP B 122 -5.10 -8.48 -9.75
N VAL B 123 -5.92 -8.13 -8.78
CA VAL B 123 -5.65 -7.00 -7.88
C VAL B 123 -5.08 -7.56 -6.60
N GLU B 124 -3.81 -7.24 -6.33
CA GLU B 124 -3.18 -7.59 -5.07
C GLU B 124 -3.73 -6.66 -3.99
N GLN B 125 -4.86 -7.07 -3.41
CA GLN B 125 -5.54 -6.29 -2.39
C GLN B 125 -4.61 -5.97 -1.24
N LEU B 126 -4.63 -4.72 -0.79
CA LEU B 126 -3.75 -4.31 0.30
C LEU B 126 -4.50 -4.43 1.63
N GLY B 127 -5.21 -3.39 2.04
CA GLY B 127 -6.00 -3.50 3.24
C GLY B 127 -5.70 -2.47 4.31
N ILE B 128 -6.72 -1.72 4.70
CA ILE B 128 -6.60 -0.67 5.70
C ILE B 128 -7.12 -1.19 7.03
N PRO B 129 -6.28 -1.39 8.04
CA PRO B 129 -6.80 -1.72 9.37
C PRO B 129 -7.56 -0.52 9.92
N GLU B 130 -8.72 -0.78 10.52
CA GLU B 130 -9.59 0.26 11.04
C GLU B 130 -9.05 0.81 12.35
N GLN B 131 -8.50 2.02 12.33
CA GLN B 131 -8.03 2.70 13.53
C GLN B 131 -8.96 3.86 13.87
N GLU B 132 -8.72 4.45 15.05
CA GLU B 132 -9.42 5.65 15.50
C GLU B 132 -8.57 6.88 15.21
N TYR B 133 -9.19 7.90 14.62
CA TYR B 133 -8.51 9.10 14.16
C TYR B 133 -8.57 10.22 15.20
N SER B 134 -7.57 11.09 15.16
CA SER B 134 -7.52 12.22 16.08
C SER B 134 -8.72 13.14 15.89
N CYS B 135 -8.82 13.78 14.72
CA CYS B 135 -9.92 14.68 14.46
C CYS B 135 -10.76 14.17 13.30
N VAL B 136 -12.07 14.32 13.43
CA VAL B 136 -13.05 13.93 12.42
C VAL B 136 -13.98 15.11 12.23
N VAL B 137 -13.93 15.74 11.06
CA VAL B 137 -14.77 16.88 10.74
C VAL B 137 -15.83 16.41 9.74
N LYS B 138 -17.08 16.75 10.00
CA LYS B 138 -18.18 16.45 9.09
C LYS B 138 -18.76 17.78 8.61
N MET B 139 -18.65 18.03 7.32
CA MET B 139 -19.03 19.30 6.72
C MET B 139 -19.86 19.06 5.48
N PRO B 140 -20.44 20.11 4.90
CA PRO B 140 -21.15 19.92 3.61
C PRO B 140 -20.17 19.53 2.51
N SER B 141 -20.62 18.65 1.63
CA SER B 141 -19.79 18.24 0.50
C SER B 141 -19.46 19.44 -0.39
N GLY B 142 -20.48 20.23 -0.74
CA GLY B 142 -20.26 21.38 -1.60
C GLY B 142 -19.30 22.39 -0.99
N GLU B 143 -19.37 22.57 0.34
CA GLU B 143 -18.46 23.51 1.00
C GLU B 143 -17.02 23.03 0.90
N PHE B 144 -16.80 21.74 1.17
CA PHE B 144 -15.46 21.15 1.04
C PHE B 144 -14.94 21.30 -0.39
N ALA B 145 -15.79 21.00 -1.38
CA ALA B 145 -15.38 21.12 -2.78
C ALA B 145 -15.02 22.56 -3.14
N ARG B 146 -15.83 23.52 -2.68
CA ARG B 146 -15.55 24.92 -2.93
C ARG B 146 -14.22 25.33 -2.32
N ILE B 147 -13.97 24.92 -1.08
CA ILE B 147 -12.69 25.20 -0.44
C ILE B 147 -11.55 24.63 -1.26
N CYS B 148 -11.71 23.38 -1.71
CA CYS B 148 -10.65 22.72 -2.47
C CYS B 148 -10.32 23.47 -3.75
N ARG B 149 -11.35 23.82 -4.53
CA ARG B 149 -11.09 24.55 -5.77
C ARG B 149 -10.45 25.92 -5.50
N ASP B 150 -11.01 26.67 -4.55
CA ASP B 150 -10.49 28.00 -4.24
C ASP B 150 -9.02 27.94 -3.83
N LEU B 151 -8.69 27.02 -2.91
CA LEU B 151 -7.30 26.90 -2.49
C LEU B 151 -6.41 26.32 -3.57
N SER B 152 -6.98 25.54 -4.51
CA SER B 152 -6.18 25.02 -5.61
C SER B 152 -5.75 26.14 -6.54
N HIS B 153 -6.54 27.20 -6.63
CA HIS B 153 -6.13 28.30 -7.50
C HIS B 153 -5.00 29.14 -6.92
N ILE B 154 -4.65 28.94 -5.64
CA ILE B 154 -3.56 29.68 -5.02
C ILE B 154 -2.25 28.92 -5.28
N GLY B 155 -2.06 27.81 -4.59
CA GLY B 155 -0.92 26.95 -4.81
C GLY B 155 -1.34 25.55 -5.18
N ASP B 156 -0.48 24.56 -4.92
CA ASP B 156 -0.81 23.17 -5.21
C ASP B 156 -0.74 22.27 -3.98
N ALA B 157 -0.51 22.82 -2.79
CA ALA B 157 -0.41 22.05 -1.57
C ALA B 157 -1.23 22.73 -0.48
N VAL B 158 -1.95 21.93 0.31
CA VAL B 158 -2.81 22.43 1.38
C VAL B 158 -2.30 21.91 2.72
N VAL B 159 -2.40 22.75 3.74
CA VAL B 159 -2.04 22.40 5.11
C VAL B 159 -3.31 22.41 5.96
N ILE B 160 -3.75 21.22 6.38
CA ILE B 160 -4.93 21.07 7.23
C ILE B 160 -4.48 21.03 8.69
N SER B 161 -5.10 21.87 9.53
CA SER B 161 -4.78 21.92 10.96
C SER B 161 -6.06 21.81 11.79
N CYS B 162 -6.22 20.71 12.53
CA CYS B 162 -7.26 20.57 13.53
C CYS B 162 -6.73 21.03 14.88
N ALA B 163 -7.54 21.83 15.58
CA ALA B 163 -7.22 22.32 16.91
C ALA B 163 -8.52 22.47 17.70
N LYS B 164 -8.38 22.81 18.98
CA LYS B 164 -9.54 23.00 19.86
C LYS B 164 -10.54 24.01 19.28
N ASP B 165 -10.03 25.15 18.78
CA ASP B 165 -10.92 26.22 18.36
C ASP B 165 -11.68 25.85 17.08
N GLY B 166 -10.95 25.53 16.02
CA GLY B 166 -11.56 25.20 14.76
C GLY B 166 -10.60 24.44 13.87
N VAL B 167 -11.01 24.26 12.63
CA VAL B 167 -10.19 23.59 11.63
C VAL B 167 -9.79 24.62 10.58
N LYS B 168 -8.52 24.57 10.17
CA LYS B 168 -7.96 25.58 9.30
C LYS B 168 -7.31 24.94 8.08
N PHE B 169 -7.57 25.55 6.92
CA PHE B 169 -7.03 25.12 5.64
C PHE B 169 -6.13 26.23 5.14
N SER B 170 -4.86 25.92 4.86
CA SER B 170 -3.93 26.97 4.45
C SER B 170 -3.24 26.57 3.16
N ALA B 171 -2.81 27.59 2.42
CA ALA B 171 -2.06 27.36 1.19
C ALA B 171 -1.20 28.59 0.93
N SER B 172 -0.16 28.40 0.12
CA SER B 172 0.75 29.51 -0.19
C SER B 172 1.34 29.27 -1.57
N GLY B 173 1.41 30.34 -2.35
CA GLY B 173 1.98 30.24 -3.68
C GLY B 173 2.60 31.51 -4.22
N GLU B 174 2.87 31.48 -5.53
CA GLU B 174 3.48 32.60 -6.23
C GLU B 174 2.75 33.91 -5.98
N LEU B 175 1.42 33.87 -5.89
CA LEU B 175 0.60 35.08 -5.77
C LEU B 175 0.13 35.34 -4.34
N GLY B 176 0.79 34.75 -3.35
CA GLY B 176 0.44 34.98 -1.96
C GLY B 176 -0.08 33.71 -1.30
N ASN B 177 -0.64 33.88 -0.11
CA ASN B 177 -1.13 32.78 0.70
C ASN B 177 -2.59 33.01 1.07
N GLY B 178 -3.23 31.94 1.54
CA GLY B 178 -4.63 31.98 1.91
C GLY B 178 -4.92 31.05 3.07
N ASN B 179 -6.00 31.37 3.78
CA ASN B 179 -6.39 30.65 4.99
C ASN B 179 -7.91 30.61 5.09
N ILE B 180 -8.43 29.46 5.49
CA ILE B 180 -9.87 29.24 5.67
C ILE B 180 -10.05 28.68 7.08
N LYS B 181 -11.03 29.22 7.79
CA LYS B 181 -11.30 28.85 9.18
C LYS B 181 -12.73 28.39 9.30
N LEU B 182 -12.95 27.26 9.99
CA LEU B 182 -14.30 26.78 10.21
C LEU B 182 -14.65 26.82 11.69
N SER B 183 -15.95 26.98 11.96
CA SER B 183 -16.47 27.06 13.31
C SER B 183 -17.59 26.04 13.46
N GLN B 184 -17.78 25.58 14.68
CA GLN B 184 -18.84 24.63 15.00
C GLN B 184 -19.91 25.32 15.84
N THR B 185 -20.68 26.17 15.17
CA THR B 185 -21.81 26.84 15.78
C THR B 185 -22.93 25.82 15.96
N SER B 186 -24.05 26.27 16.53
CA SER B 186 -25.17 25.37 16.78
C SER B 186 -25.52 24.56 15.54
N ASN B 187 -25.53 23.24 15.70
CA ASN B 187 -25.70 22.28 14.61
C ASN B 187 -27.20 22.17 14.33
N VAL B 188 -27.68 22.87 13.31
CA VAL B 188 -29.11 22.85 13.04
C VAL B 188 -29.54 21.48 12.49
N ASP B 189 -28.88 21.01 11.43
CA ASP B 189 -29.23 19.72 10.84
C ASP B 189 -28.01 19.15 10.14
N LYS B 190 -28.12 17.89 9.71
CA LYS B 190 -27.12 17.28 8.85
C LYS B 190 -27.35 17.58 7.38
N GLU B 191 -28.35 18.39 7.03
CA GLU B 191 -28.63 18.71 5.63
C GLU B 191 -27.79 19.95 5.30
N GLU B 192 -28.13 21.08 5.90
CA GLU B 192 -27.16 22.17 6.01
C GLU B 192 -26.30 21.80 7.21
N GLU B 193 -25.42 20.82 6.99
CA GLU B 193 -24.62 20.24 8.07
C GLU B 193 -23.58 21.26 8.49
N ALA B 194 -23.84 21.95 9.59
CA ALA B 194 -22.80 22.76 10.17
C ALA B 194 -21.62 21.86 10.52
N VAL B 195 -20.43 22.43 10.38
CA VAL B 195 -19.19 21.68 10.54
C VAL B 195 -19.13 21.14 11.96
N THR B 196 -19.06 19.82 12.08
CA THR B 196 -18.94 19.16 13.37
C THR B 196 -17.52 18.64 13.47
N ILE B 197 -16.75 19.24 14.37
CA ILE B 197 -15.36 18.86 14.57
C ILE B 197 -15.32 18.06 15.85
N GLU B 198 -15.14 16.75 15.74
CA GLU B 198 -14.92 15.89 16.89
C GLU B 198 -13.42 15.64 16.97
N MET B 199 -12.77 16.29 17.92
CA MET B 199 -11.32 16.22 18.04
C MET B 199 -10.93 15.40 19.27
N ASN B 200 -9.90 14.58 19.12
CA ASN B 200 -9.31 13.83 20.21
C ASN B 200 -7.91 14.33 20.54
N GLU B 201 -7.11 14.65 19.53
CA GLU B 201 -5.83 15.31 19.70
C GLU B 201 -5.64 16.30 18.56
N PRO B 202 -4.93 17.39 18.80
CA PRO B 202 -4.67 18.35 17.72
C PRO B 202 -3.71 17.78 16.70
N VAL B 203 -3.92 18.14 15.44
CA VAL B 203 -3.22 17.49 14.35
C VAL B 203 -3.02 18.48 13.21
N GLN B 204 -1.97 18.30 12.43
CA GLN B 204 -1.82 19.10 11.22
C GLN B 204 -0.93 18.38 10.22
N LEU B 205 -1.39 18.30 8.97
CA LEU B 205 -0.67 17.60 7.92
C LEU B 205 -0.82 18.38 6.62
N THR B 206 -0.09 17.92 5.60
CA THR B 206 -0.06 18.58 4.31
C THR B 206 -0.40 17.57 3.22
N PHE B 207 -1.15 18.03 2.22
CA PHE B 207 -1.61 17.16 1.15
C PHE B 207 -1.53 17.90 -0.19
N ALA B 208 -1.58 17.12 -1.27
CA ALA B 208 -1.60 17.66 -2.62
C ALA B 208 -3.03 17.96 -3.03
N LEU B 209 -3.22 19.12 -3.65
CA LEU B 209 -4.56 19.60 -3.96
C LEU B 209 -5.18 18.90 -5.17
N ARG B 210 -4.34 18.45 -6.11
CA ARG B 210 -4.86 17.78 -7.31
C ARG B 210 -5.73 16.58 -6.94
N TYR B 211 -5.24 15.72 -6.05
CA TYR B 211 -5.99 14.53 -5.68
C TYR B 211 -7.25 14.87 -4.89
N LEU B 212 -7.22 15.97 -4.14
CA LEU B 212 -8.44 16.39 -3.45
C LEU B 212 -9.50 16.86 -4.43
N ASN B 213 -9.10 17.56 -5.49
CA ASN B 213 -10.06 17.94 -6.52
C ASN B 213 -10.54 16.75 -7.32
N PHE B 214 -9.69 15.72 -7.48
CA PHE B 214 -10.17 14.45 -8.00
C PHE B 214 -11.24 13.84 -7.11
N PHE B 215 -11.00 13.87 -5.79
CA PHE B 215 -11.97 13.31 -4.84
C PHE B 215 -13.29 14.05 -4.92
N THR B 216 -13.24 15.38 -5.03
CA THR B 216 -14.47 16.16 -5.03
C THR B 216 -15.35 15.92 -6.25
N LYS B 217 -14.90 15.10 -7.21
CA LYS B 217 -15.76 14.66 -8.29
C LYS B 217 -16.84 13.70 -7.81
N ALA B 218 -16.73 13.20 -6.57
CA ALA B 218 -17.74 12.37 -5.95
C ALA B 218 -18.72 13.18 -5.11
N THR B 219 -18.75 14.50 -5.31
CA THR B 219 -19.65 15.34 -4.54
C THR B 219 -21.14 15.00 -4.72
N PRO B 220 -21.65 14.74 -5.95
CA PRO B 220 -23.10 14.49 -6.10
C PRO B 220 -23.61 13.26 -5.37
N LEU B 221 -22.75 12.50 -4.70
CA LEU B 221 -23.20 11.26 -4.07
C LEU B 221 -23.90 11.52 -2.75
N SER B 222 -23.36 12.41 -1.93
CA SER B 222 -23.95 12.79 -0.66
C SER B 222 -24.00 14.31 -0.54
N SER B 223 -24.65 14.78 0.52
CA SER B 223 -24.66 16.21 0.84
C SER B 223 -23.68 16.56 1.95
N THR B 224 -23.05 15.57 2.56
CA THR B 224 -22.07 15.78 3.61
C THR B 224 -20.86 14.88 3.37
N VAL B 225 -19.67 15.41 3.68
CA VAL B 225 -18.42 14.68 3.55
C VAL B 225 -17.74 14.70 4.91
N THR B 226 -17.09 13.57 5.26
CA THR B 226 -16.39 13.46 6.53
C THR B 226 -14.90 13.29 6.28
N LEU B 227 -14.11 14.24 6.77
CA LEU B 227 -12.65 14.19 6.73
C LEU B 227 -12.16 13.66 8.07
N SER B 228 -11.52 12.49 8.05
CA SER B 228 -11.02 11.87 9.27
C SER B 228 -9.51 11.71 9.17
N MET B 229 -8.81 12.07 10.24
CA MET B 229 -7.35 12.01 10.17
C MET B 229 -6.73 12.02 11.55
N SER B 230 -5.48 11.56 11.59
CA SER B 230 -4.61 11.63 12.75
C SER B 230 -3.18 11.78 12.24
N ALA B 231 -2.26 12.03 13.16
CA ALA B 231 -0.89 12.34 12.78
C ALA B 231 -0.21 11.18 12.06
N ASP B 232 0.47 11.50 10.96
CA ASP B 232 1.34 10.56 10.23
C ASP B 232 0.59 9.34 9.72
N VAL B 233 -0.70 9.48 9.41
CA VAL B 233 -1.44 8.43 8.72
C VAL B 233 -2.19 9.07 7.55
N PRO B 234 -2.63 8.25 6.59
CA PRO B 234 -3.35 8.81 5.43
C PRO B 234 -4.69 9.42 5.82
N LEU B 235 -5.00 10.56 5.21
CA LEU B 235 -6.29 11.19 5.40
C LEU B 235 -7.38 10.37 4.74
N VAL B 236 -8.55 10.30 5.40
CA VAL B 236 -9.71 9.60 4.89
C VAL B 236 -10.77 10.63 4.54
N VAL B 237 -11.24 10.59 3.30
CA VAL B 237 -12.37 11.38 2.84
C VAL B 237 -13.50 10.41 2.57
N GLU B 238 -14.55 10.46 3.39
CA GLU B 238 -15.66 9.52 3.30
C GLU B 238 -16.87 10.24 2.75
N TYR B 239 -17.38 9.73 1.63
CA TYR B 239 -18.67 10.12 1.06
C TYR B 239 -19.62 8.95 1.27
N LYS B 240 -20.65 9.15 2.08
CA LYS B 240 -21.60 8.09 2.39
C LYS B 240 -22.68 8.08 1.31
N ILE B 241 -22.85 6.95 0.65
CA ILE B 241 -23.93 6.81 -0.32
C ILE B 241 -25.21 6.50 0.45
N ALA B 242 -26.32 7.08 0.02
CA ALA B 242 -27.59 6.92 0.73
C ALA B 242 -27.93 5.44 0.81
N ASP B 243 -28.02 4.93 2.04
CA ASP B 243 -28.38 3.54 2.31
C ASP B 243 -27.34 2.56 1.79
N MET B 244 -27.15 2.55 0.46
CA MET B 244 -26.28 1.61 -0.23
C MET B 244 -25.00 1.26 0.53
N GLY B 245 -24.18 2.26 0.81
CA GLY B 245 -22.91 2.03 1.47
C GLY B 245 -22.07 3.29 1.54
N HIS B 246 -20.81 3.19 1.10
CA HIS B 246 -19.93 4.34 1.21
C HIS B 246 -18.82 4.26 0.20
N LEU B 247 -18.04 5.35 0.15
CA LEU B 247 -16.89 5.41 -0.71
C LEU B 247 -15.82 6.22 0.02
N LYS B 248 -14.65 5.63 0.19
CA LYS B 248 -13.56 6.18 0.98
C LYS B 248 -12.37 6.47 0.08
N TYR B 249 -11.78 7.64 0.27
CA TYR B 249 -10.54 8.03 -0.40
C TYR B 249 -9.45 8.16 0.65
N TYR B 250 -8.37 7.41 0.48
CA TYR B 250 -7.20 7.51 1.34
C TYR B 250 -6.11 8.25 0.59
N LEU B 251 -5.54 9.28 1.23
CA LEU B 251 -4.52 10.10 0.60
C LEU B 251 -3.33 10.27 1.52
N ALA B 252 -2.12 10.10 0.97
CA ALA B 252 -0.89 10.17 1.74
C ALA B 252 -0.44 11.62 1.94
N PRO B 253 0.05 11.96 3.12
CA PRO B 253 0.50 13.34 3.38
C PRO B 253 1.80 13.65 2.65
N LYS B 254 2.14 14.94 2.65
CA LYS B 254 3.43 15.39 2.15
C LYS B 254 4.31 15.60 3.38
N ILE B 255 5.33 14.75 3.53
CA ILE B 255 6.18 14.80 4.72
C ILE B 255 7.57 15.35 4.38
N GLU B 256 8.43 15.38 5.40
CA GLU B 256 9.81 15.80 5.28
C GLU B 256 10.72 14.57 5.38
N ASP B 257 11.97 14.79 5.74
CA ASP B 257 12.98 13.73 5.81
C ASP B 257 14.30 14.22 6.40
N MET C 1 -9.40 -28.26 -3.31
CA MET C 1 -7.95 -28.30 -3.24
C MET C 1 -7.46 -27.08 -2.46
N PHE C 2 -6.24 -27.16 -1.93
CA PHE C 2 -5.64 -26.07 -1.18
C PHE C 2 -4.14 -26.01 -1.49
N GLU C 3 -3.65 -24.81 -1.80
CA GLU C 3 -2.23 -24.64 -2.08
C GLU C 3 -1.82 -23.23 -1.66
N ALA C 4 -0.86 -23.15 -0.74
CA ALA C 4 -0.36 -21.88 -0.23
C ALA C 4 1.16 -21.86 -0.28
N ARG C 5 1.71 -20.69 -0.61
CA ARG C 5 3.15 -20.46 -0.72
C ARG C 5 3.51 -19.31 0.19
N LEU C 6 4.33 -19.58 1.22
CA LEU C 6 4.71 -18.59 2.21
C LEU C 6 6.23 -18.45 2.19
N VAL C 7 6.70 -17.22 1.97
CA VAL C 7 8.13 -16.95 1.85
C VAL C 7 8.81 -17.03 3.23
N GLN C 8 8.40 -16.19 4.17
CA GLN C 8 9.01 -16.16 5.50
C GLN C 8 8.51 -17.33 6.33
N GLY C 9 8.94 -18.53 5.94
CA GLY C 9 8.42 -19.74 6.55
C GLY C 9 8.83 -19.94 7.99
N SER C 10 9.79 -19.14 8.47
CA SER C 10 10.10 -19.12 9.89
C SER C 10 8.82 -18.88 10.68
N ILE C 11 7.86 -18.16 10.10
CA ILE C 11 6.58 -17.93 10.77
C ILE C 11 5.91 -19.25 11.11
N LEU C 12 5.79 -20.15 10.12
CA LEU C 12 5.18 -21.46 10.39
C LEU C 12 6.02 -22.30 11.33
N LYS C 13 7.34 -22.32 11.12
CA LYS C 13 8.21 -23.05 12.03
C LYS C 13 7.99 -22.62 13.47
N LYS C 14 7.99 -21.30 13.70
CA LYS C 14 7.87 -20.75 15.03
C LYS C 14 6.46 -20.95 15.59
N VAL C 15 5.43 -20.85 14.75
CA VAL C 15 4.06 -21.07 15.21
C VAL C 15 3.92 -22.49 15.74
N LEU C 16 4.33 -23.48 14.94
CA LEU C 16 4.19 -24.86 15.38
C LEU C 16 5.08 -25.15 16.58
N GLU C 17 6.29 -24.59 16.63
CA GLU C 17 7.12 -24.78 17.82
C GLU C 17 6.50 -24.13 19.04
N ALA C 18 5.74 -23.04 18.86
CA ALA C 18 5.10 -22.36 19.98
C ALA C 18 3.90 -23.11 20.51
N LEU C 19 3.13 -23.76 19.63
CA LEU C 19 1.90 -24.42 20.04
C LEU C 19 2.04 -25.93 20.17
N LYS C 20 3.20 -26.50 19.86
CA LYS C 20 3.35 -27.96 19.87
C LYS C 20 3.31 -28.55 21.27
N ASP C 21 3.74 -27.79 22.28
CA ASP C 21 3.88 -28.30 23.63
C ASP C 21 2.61 -28.17 24.46
N LEU C 22 1.53 -27.65 23.89
CA LEU C 22 0.26 -27.52 24.58
C LEU C 22 -0.80 -28.50 24.07
N ILE C 23 -1.04 -28.53 22.75
CA ILE C 23 -2.05 -29.38 22.14
C ILE C 23 -1.34 -30.45 21.33
N ASN C 24 -1.91 -31.66 21.34
CA ASN C 24 -1.39 -32.77 20.54
C ASN C 24 -2.08 -32.90 19.18
N GLU C 25 -3.40 -32.82 19.15
CA GLU C 25 -4.18 -32.96 17.92
C GLU C 25 -5.05 -31.73 17.71
N ALA C 26 -5.16 -31.29 16.46
CA ALA C 26 -5.96 -30.10 16.20
C ALA C 26 -6.54 -30.12 14.79
N CYS C 27 -7.73 -29.55 14.65
CA CYS C 27 -8.40 -29.40 13.37
C CYS C 27 -8.13 -27.99 12.83
N TRP C 28 -7.66 -27.93 11.58
CA TRP C 28 -7.34 -26.68 10.91
C TRP C 28 -8.48 -26.31 9.97
N ASP C 29 -9.27 -25.31 10.35
CA ASP C 29 -10.39 -24.80 9.58
C ASP C 29 -9.87 -23.86 8.49
N ILE C 30 -9.64 -24.43 7.30
CA ILE C 30 -9.16 -23.66 6.16
C ILE C 30 -10.33 -22.88 5.58
N SER C 31 -10.26 -21.56 5.67
CA SER C 31 -11.34 -20.71 5.18
C SER C 31 -11.00 -20.13 3.80
N SER C 32 -11.58 -18.98 3.47
CA SER C 32 -11.32 -18.35 2.19
C SER C 32 -10.40 -17.15 2.28
N SER C 33 -10.39 -16.47 3.43
CA SER C 33 -9.47 -15.37 3.67
C SER C 33 -8.16 -15.82 4.29
N GLY C 34 -8.04 -17.09 4.66
CA GLY C 34 -6.82 -17.55 5.30
C GLY C 34 -7.08 -18.82 6.09
N VAL C 35 -6.18 -19.07 7.03
CA VAL C 35 -6.19 -20.24 7.90
C VAL C 35 -6.55 -19.80 9.31
N ASN C 36 -7.42 -20.57 9.96
CA ASN C 36 -7.82 -20.35 11.34
C ASN C 36 -7.62 -21.64 12.12
N LEU C 37 -7.37 -21.50 13.41
CA LEU C 37 -7.30 -22.66 14.30
C LEU C 37 -7.77 -22.27 15.69
N GLN C 38 -8.47 -23.20 16.35
CA GLN C 38 -9.01 -22.97 17.69
C GLN C 38 -9.06 -24.30 18.43
N SER C 39 -8.46 -24.35 19.61
CA SER C 39 -8.41 -25.62 20.34
C SER C 39 -8.29 -25.39 21.84
N MET C 40 -8.47 -26.48 22.60
CA MET C 40 -8.40 -26.53 24.05
C MET C 40 -7.23 -27.39 24.52
N ASP C 41 -6.96 -27.31 25.83
CA ASP C 41 -5.87 -28.01 26.47
C ASP C 41 -6.22 -29.48 26.71
N SER C 42 -5.20 -30.25 27.10
CA SER C 42 -5.41 -31.60 27.59
C SER C 42 -6.14 -31.61 28.94
N SER C 43 -6.32 -30.45 29.56
CA SER C 43 -7.01 -30.32 30.83
C SER C 43 -8.24 -29.40 30.73
N HIS C 44 -8.62 -29.01 29.52
CA HIS C 44 -9.77 -28.15 29.28
C HIS C 44 -9.73 -26.90 30.14
N VAL C 45 -8.62 -26.17 30.07
CA VAL C 45 -8.45 -24.95 30.87
C VAL C 45 -8.11 -23.72 30.05
N SER C 46 -7.53 -23.84 28.85
CA SER C 46 -7.18 -22.67 28.05
C SER C 46 -7.55 -22.93 26.60
N LEU C 47 -7.63 -21.85 25.83
CA LEU C 47 -8.04 -21.92 24.44
C LEU C 47 -7.06 -21.15 23.57
N VAL C 48 -6.64 -21.73 22.45
CA VAL C 48 -5.74 -21.07 21.51
C VAL C 48 -6.50 -20.80 20.23
N GLN C 49 -6.30 -19.60 19.67
CA GLN C 49 -6.89 -19.20 18.40
C GLN C 49 -5.82 -18.52 17.55
N LEU C 50 -5.43 -19.17 16.46
CA LEU C 50 -4.47 -18.64 15.50
C LEU C 50 -5.19 -18.19 14.24
N THR C 51 -4.79 -17.03 13.70
CA THR C 51 -5.41 -16.48 12.50
C THR C 51 -4.32 -15.97 11.56
N LEU C 52 -4.29 -16.50 10.33
CA LEU C 52 -3.40 -16.00 9.28
C LEU C 52 -4.25 -15.70 8.05
N ARG C 53 -4.10 -14.52 7.48
CA ARG C 53 -4.96 -14.12 6.38
C ARG C 53 -4.23 -14.18 5.04
N SER C 54 -5.02 -14.41 3.98
CA SER C 54 -4.48 -14.61 2.64
C SER C 54 -3.61 -13.45 2.18
N GLU C 55 -3.96 -12.23 2.58
CA GLU C 55 -3.15 -11.07 2.19
C GLU C 55 -1.69 -11.24 2.58
N GLY C 56 -1.42 -11.99 3.66
CA GLY C 56 -0.06 -12.21 4.09
C GLY C 56 0.71 -13.27 3.32
N PHE C 57 0.03 -14.06 2.50
CA PHE C 57 0.68 -15.08 1.68
C PHE C 57 1.11 -14.48 0.34
N ASP C 58 2.00 -15.20 -0.33
CA ASP C 58 2.42 -14.78 -1.67
C ASP C 58 1.56 -15.37 -2.77
N THR C 59 0.92 -16.53 -2.53
CA THR C 59 -0.06 -17.11 -3.44
C THR C 59 -1.04 -17.93 -2.59
N TYR C 60 -2.21 -17.36 -2.31
CA TYR C 60 -3.24 -18.07 -1.58
C TYR C 60 -4.27 -18.62 -2.56
N ARG C 61 -4.76 -19.83 -2.28
CA ARG C 61 -5.71 -20.46 -3.18
C ARG C 61 -6.47 -21.53 -2.40
N CYS C 62 -7.77 -21.33 -2.25
CA CYS C 62 -8.64 -22.27 -1.55
C CYS C 62 -9.95 -22.39 -2.30
N ASP C 63 -10.51 -23.60 -2.33
CA ASP C 63 -11.74 -23.87 -3.06
C ASP C 63 -12.91 -24.26 -2.19
N ARG C 64 -12.68 -25.08 -1.17
CA ARG C 64 -13.74 -25.52 -0.27
C ARG C 64 -13.21 -25.57 1.15
N ASN C 65 -14.03 -25.13 2.10
CA ASN C 65 -13.64 -25.15 3.51
C ASN C 65 -13.28 -26.56 3.95
N LEU C 66 -12.11 -26.69 4.56
CA LEU C 66 -11.62 -27.97 5.03
C LEU C 66 -11.15 -27.85 6.47
N ALA C 67 -11.14 -28.99 7.15
CA ALA C 67 -10.77 -29.08 8.57
C ALA C 67 -9.74 -30.21 8.68
N MET C 68 -8.46 -29.86 8.55
CA MET C 68 -7.41 -30.87 8.49
C MET C 68 -7.00 -31.25 9.91
N GLY C 69 -7.14 -32.54 10.24
CA GLY C 69 -6.77 -33.01 11.55
C GLY C 69 -5.30 -33.40 11.61
N VAL C 70 -4.51 -32.64 12.35
CA VAL C 70 -3.06 -32.77 12.37
C VAL C 70 -2.61 -33.14 13.76
N ASN C 71 -1.62 -34.05 13.82
CA ASN C 71 -0.90 -34.37 15.06
C ASN C 71 0.18 -33.31 15.21
N LEU C 72 -0.05 -32.37 16.14
CA LEU C 72 0.82 -31.22 16.28
C LEU C 72 2.29 -31.61 16.49
N THR C 73 2.53 -32.70 17.22
CA THR C 73 3.89 -33.18 17.42
C THR C 73 4.54 -33.54 16.09
N SER C 74 3.83 -34.31 15.26
CA SER C 74 4.35 -34.65 13.93
C SER C 74 4.53 -33.41 13.08
N MET C 75 3.58 -32.47 13.16
CA MET C 75 3.68 -31.23 12.39
C MET C 75 4.97 -30.47 12.73
N SER C 76 5.25 -30.33 14.03
CA SER C 76 6.47 -29.64 14.44
C SER C 76 7.72 -30.42 14.04
N LYS C 77 7.67 -31.75 14.18
CA LYS C 77 8.80 -32.59 13.76
C LYS C 77 9.11 -32.38 12.28
N ILE C 78 8.07 -32.29 11.45
CA ILE C 78 8.30 -32.07 10.02
C ILE C 78 8.82 -30.66 9.77
N LEU C 79 8.25 -29.66 10.46
CA LEU C 79 8.66 -28.29 10.22
C LEU C 79 10.09 -28.01 10.70
N LYS C 80 10.59 -28.80 11.66
CA LYS C 80 11.97 -28.63 12.09
C LYS C 80 12.96 -28.99 10.99
N CYS C 81 12.53 -29.72 9.96
CA CYS C 81 13.40 -30.08 8.85
C CYS C 81 13.59 -28.94 7.86
N ALA C 82 12.92 -27.81 8.06
CA ALA C 82 13.03 -26.64 7.19
C ALA C 82 13.79 -25.55 7.93
N GLY C 83 14.63 -24.83 7.21
CA GLY C 83 15.30 -23.68 7.79
C GLY C 83 14.39 -22.49 7.89
N ASN C 84 14.82 -21.51 8.68
CA ASN C 84 14.04 -20.29 8.87
C ASN C 84 14.17 -19.35 7.69
N GLU C 85 14.96 -19.73 6.68
CA GLU C 85 15.09 -19.00 5.44
C GLU C 85 14.50 -19.77 4.27
N ASP C 86 13.87 -20.92 4.53
CA ASP C 86 13.24 -21.71 3.51
C ASP C 86 11.91 -21.09 3.12
N ILE C 87 11.39 -21.52 1.97
CA ILE C 87 10.07 -21.10 1.49
C ILE C 87 9.15 -22.29 1.66
N ILE C 88 8.13 -22.18 2.51
CA ILE C 88 7.27 -23.31 2.83
C ILE C 88 5.96 -23.20 2.08
N THR C 89 5.55 -24.30 1.45
CA THR C 89 4.32 -24.37 0.68
C THR C 89 3.53 -25.55 1.19
N LEU C 90 2.27 -25.29 1.53
CA LEU C 90 1.34 -26.33 1.95
C LEU C 90 0.45 -26.70 0.77
N ARG C 91 0.13 -27.98 0.67
CA ARG C 91 -0.70 -28.45 -0.43
C ARG C 91 -1.55 -29.63 0.04
N ALA C 92 -2.79 -29.65 -0.44
CA ALA C 92 -3.71 -30.73 -0.14
C ALA C 92 -4.65 -30.90 -1.33
N GLU C 93 -4.78 -32.14 -1.80
CA GLU C 93 -5.67 -32.41 -2.92
C GLU C 93 -7.13 -32.37 -2.46
N ASP C 94 -8.03 -32.46 -3.44
CA ASP C 94 -9.46 -32.35 -3.15
C ASP C 94 -9.93 -33.47 -2.25
N ASN C 95 -9.82 -34.71 -2.72
CA ASN C 95 -10.18 -35.90 -1.93
C ASN C 95 -8.88 -36.58 -1.53
N ALA C 96 -8.37 -36.23 -0.35
CA ALA C 96 -7.12 -36.79 0.13
C ALA C 96 -7.09 -36.69 1.65
N ASP C 97 -6.29 -37.56 2.26
CA ASP C 97 -6.11 -37.59 3.71
C ASP C 97 -4.64 -37.40 4.09
N THR C 98 -3.90 -36.65 3.28
CA THR C 98 -2.48 -36.39 3.52
C THR C 98 -2.18 -34.94 3.22
N LEU C 99 -1.33 -34.34 4.05
CA LEU C 99 -0.90 -32.95 3.86
C LEU C 99 0.53 -32.93 3.33
N ALA C 100 0.78 -32.09 2.34
CA ALA C 100 2.08 -32.00 1.68
C ALA C 100 2.77 -30.70 2.08
N LEU C 101 4.02 -30.82 2.52
CA LEU C 101 4.85 -29.69 2.91
C LEU C 101 6.06 -29.67 2.00
N VAL C 102 6.30 -28.53 1.34
CA VAL C 102 7.45 -28.40 0.44
C VAL C 102 8.27 -27.21 0.86
N PHE C 103 9.57 -27.43 1.04
CA PHE C 103 10.51 -26.39 1.45
C PHE C 103 11.44 -26.09 0.29
N GLU C 104 11.46 -24.84 -0.14
CA GLU C 104 12.34 -24.34 -1.18
C GLU C 104 13.55 -23.72 -0.52
N ALA C 105 14.74 -24.01 -1.04
CA ALA C 105 15.94 -23.45 -0.46
C ALA C 105 16.21 -22.05 -1.02
N PRO C 106 16.96 -21.24 -0.30
CA PRO C 106 17.30 -19.91 -0.82
C PRO C 106 18.09 -19.91 -2.12
N ASN C 107 19.09 -20.79 -2.26
CA ASN C 107 19.85 -20.92 -3.48
C ASN C 107 19.26 -21.91 -4.49
N GLN C 108 17.99 -22.29 -4.32
CA GLN C 108 17.32 -23.25 -5.20
C GLN C 108 17.99 -24.62 -5.30
N GLU C 109 19.10 -24.83 -4.60
CA GLU C 109 19.78 -26.12 -4.68
C GLU C 109 18.96 -27.22 -4.01
N LYS C 110 18.44 -26.93 -2.82
CA LYS C 110 17.76 -27.92 -1.98
C LYS C 110 16.25 -27.78 -2.14
N VAL C 111 15.57 -28.92 -2.31
CA VAL C 111 14.12 -28.98 -2.38
C VAL C 111 13.67 -30.11 -1.48
N SER C 112 12.86 -29.78 -0.47
CA SER C 112 12.40 -30.75 0.50
C SER C 112 10.91 -31.01 0.29
N ASP C 113 10.51 -32.28 0.29
CA ASP C 113 9.12 -32.65 0.05
C ASP C 113 8.71 -33.71 1.07
N TYR C 114 8.01 -33.29 2.12
CA TYR C 114 7.47 -34.20 3.11
C TYR C 114 5.96 -34.29 2.95
N GLU C 115 5.39 -35.41 3.40
CA GLU C 115 3.95 -35.63 3.34
C GLU C 115 3.52 -36.40 4.57
N MET C 116 2.61 -35.82 5.34
CA MET C 116 2.18 -36.41 6.61
C MET C 116 0.75 -36.90 6.53
N LYS C 117 0.51 -38.07 7.12
CA LYS C 117 -0.81 -38.67 7.18
C LYS C 117 -1.72 -37.87 8.11
N LEU C 118 -2.86 -37.42 7.58
CA LEU C 118 -3.82 -36.69 8.39
C LEU C 118 -4.71 -37.66 9.18
N MET C 119 -5.52 -37.08 10.07
CA MET C 119 -6.43 -37.83 10.92
C MET C 119 -7.74 -37.06 11.04
N ASP C 120 -8.84 -37.79 11.27
CA ASP C 120 -10.14 -37.16 11.40
C ASP C 120 -10.35 -36.53 12.78
N LEU C 121 -11.05 -35.41 12.79
CA LEU C 121 -11.33 -34.65 14.00
C LEU C 121 -12.50 -33.71 13.70
N ASP C 122 -13.52 -33.73 14.56
CA ASP C 122 -14.66 -32.85 14.37
C ASP C 122 -14.38 -31.51 15.04
N VAL C 123 -15.25 -30.53 14.77
CA VAL C 123 -14.98 -29.15 15.19
C VAL C 123 -15.67 -28.94 16.53
N GLU C 124 -14.93 -29.20 17.61
CA GLU C 124 -15.34 -28.82 18.97
C GLU C 124 -14.73 -27.45 19.24
N GLN C 125 -15.42 -26.41 18.80
CA GLN C 125 -14.92 -25.05 18.90
C GLN C 125 -15.91 -24.17 19.65
N LEU C 126 -15.38 -23.37 20.58
CA LEU C 126 -16.17 -22.45 21.38
C LEU C 126 -16.06 -21.05 20.78
N GLY C 127 -17.19 -20.49 20.35
CA GLY C 127 -17.23 -19.13 19.83
C GLY C 127 -16.88 -18.07 20.85
N ILE C 128 -15.89 -17.23 20.55
CA ILE C 128 -15.41 -16.20 21.47
C ILE C 128 -16.05 -14.87 21.06
N PRO C 129 -16.96 -14.31 21.86
CA PRO C 129 -17.49 -12.98 21.56
C PRO C 129 -16.44 -11.89 21.72
N GLU C 130 -16.46 -10.92 20.81
CA GLU C 130 -15.55 -9.78 20.87
C GLU C 130 -16.04 -8.84 21.98
N GLN C 131 -15.32 -8.82 23.10
CA GLN C 131 -15.64 -7.93 24.20
C GLN C 131 -14.65 -6.78 24.27
N GLU C 132 -15.00 -5.80 25.09
CA GLU C 132 -14.08 -4.73 25.47
C GLU C 132 -13.54 -5.07 26.85
N TYR C 133 -12.23 -5.08 27.00
CA TYR C 133 -11.61 -5.50 28.25
C TYR C 133 -11.29 -4.28 29.10
N SER C 134 -11.31 -4.49 30.43
CA SER C 134 -11.02 -3.40 31.35
C SER C 134 -9.62 -2.85 31.14
N CYS C 135 -8.59 -3.67 31.34
CA CYS C 135 -7.21 -3.24 31.21
C CYS C 135 -6.52 -3.99 30.07
N VAL C 136 -5.71 -3.27 29.30
CA VAL C 136 -4.91 -3.85 28.22
C VAL C 136 -3.49 -3.30 28.35
N VAL C 137 -2.54 -4.19 28.61
CA VAL C 137 -1.13 -3.84 28.78
C VAL C 137 -0.38 -4.30 27.54
N LYS C 138 0.44 -3.42 26.98
CA LYS C 138 1.27 -3.75 25.83
C LYS C 138 2.74 -3.63 26.26
N MET C 139 3.45 -4.74 26.29
CA MET C 139 4.80 -4.80 26.82
C MET C 139 5.73 -5.56 25.88
N PRO C 140 7.04 -5.51 26.13
CA PRO C 140 7.96 -6.32 25.33
C PRO C 140 7.75 -7.81 25.54
N SER C 141 7.91 -8.58 24.46
CA SER C 141 7.78 -10.03 24.55
C SER C 141 8.80 -10.62 25.51
N GLY C 142 10.06 -10.23 25.36
CA GLY C 142 11.10 -10.74 26.23
C GLY C 142 10.87 -10.41 27.69
N GLU C 143 10.32 -9.22 27.97
CA GLU C 143 10.04 -8.83 29.34
C GLU C 143 8.98 -9.74 29.96
N PHE C 144 7.89 -9.99 29.25
CA PHE C 144 6.87 -10.92 29.72
C PHE C 144 7.45 -12.30 29.95
N ALA C 145 8.24 -12.79 29.00
CA ALA C 145 8.83 -14.13 29.13
C ALA C 145 9.72 -14.21 30.36
N ARG C 146 10.57 -13.21 30.56
CA ARG C 146 11.43 -13.19 31.75
C ARG C 146 10.62 -13.15 33.02
N ILE C 147 9.57 -12.32 33.06
CA ILE C 147 8.75 -12.23 34.27
C ILE C 147 8.14 -13.59 34.59
N CYS C 148 7.53 -14.24 33.60
CA CYS C 148 6.90 -15.53 33.85
C CYS C 148 7.91 -16.56 34.32
N ARG C 149 9.06 -16.63 33.64
CA ARG C 149 10.10 -17.59 34.00
C ARG C 149 10.60 -17.36 35.42
N ASP C 150 10.92 -16.11 35.76
CA ASP C 150 11.42 -15.78 37.09
C ASP C 150 10.38 -16.13 38.16
N LEU C 151 9.13 -15.72 37.94
CA LEU C 151 8.09 -15.97 38.93
C LEU C 151 7.78 -17.45 39.07
N SER C 152 8.11 -18.26 38.07
CA SER C 152 7.90 -19.70 38.18
C SER C 152 8.75 -20.33 39.28
N HIS C 153 9.91 -19.74 39.58
CA HIS C 153 10.80 -20.31 40.58
C HIS C 153 10.34 -20.07 42.01
N ILE C 154 9.37 -19.18 42.23
CA ILE C 154 8.89 -18.90 43.58
C ILE C 154 7.76 -19.86 43.93
N GLY C 155 6.58 -19.62 43.37
CA GLY C 155 5.45 -20.51 43.57
C GLY C 155 4.88 -21.03 42.26
N ASP C 156 3.61 -21.41 42.28
CA ASP C 156 2.93 -21.89 41.09
C ASP C 156 1.71 -21.07 40.71
N ALA C 157 1.44 -19.97 41.42
CA ALA C 157 0.29 -19.13 41.15
C ALA C 157 0.72 -17.67 41.16
N VAL C 158 0.19 -16.90 40.20
CA VAL C 158 0.52 -15.50 40.02
C VAL C 158 -0.72 -14.68 40.31
N VAL C 159 -0.51 -13.53 40.94
CA VAL C 159 -1.56 -12.56 41.20
C VAL C 159 -1.23 -11.32 40.38
N ILE C 160 -2.02 -11.08 39.34
CA ILE C 160 -1.87 -9.89 38.52
C ILE C 160 -2.76 -8.80 39.10
N SER C 161 -2.16 -7.65 39.36
CA SER C 161 -2.86 -6.48 39.91
C SER C 161 -2.61 -5.31 38.97
N CYS C 162 -3.67 -4.62 38.59
CA CYS C 162 -3.54 -3.44 37.75
C CYS C 162 -4.08 -2.19 38.45
N ALA C 163 -3.41 -1.08 38.19
CA ALA C 163 -3.79 0.23 38.70
C ALA C 163 -3.50 1.24 37.60
N LYS C 164 -3.92 2.49 37.83
CA LYS C 164 -3.69 3.55 36.85
C LYS C 164 -2.21 3.65 36.48
N ASP C 165 -1.32 3.59 37.47
CA ASP C 165 0.10 3.80 37.23
C ASP C 165 0.72 2.63 36.48
N GLY C 166 0.62 1.42 37.04
CA GLY C 166 1.24 0.29 36.41
C GLY C 166 0.63 -1.02 36.83
N VAL C 167 1.25 -2.11 36.38
CA VAL C 167 0.80 -3.47 36.65
C VAL C 167 1.84 -4.19 37.49
N LYS C 168 1.37 -4.99 38.45
CA LYS C 168 2.22 -5.70 39.40
C LYS C 168 1.90 -7.19 39.34
N PHE C 169 2.96 -8.00 39.33
CA PHE C 169 2.87 -9.46 39.25
C PHE C 169 3.42 -10.04 40.54
N SER C 170 2.63 -10.89 41.21
CA SER C 170 3.03 -11.43 42.50
C SER C 170 2.98 -12.96 42.49
N ALA C 171 3.79 -13.56 43.36
CA ALA C 171 3.80 -15.02 43.51
C ALA C 171 4.34 -15.36 44.90
N SER C 172 4.05 -16.58 45.34
CA SER C 172 4.46 -17.03 46.66
C SER C 172 4.64 -18.55 46.66
N GLY C 173 5.70 -19.01 47.34
CA GLY C 173 5.96 -20.42 47.50
C GLY C 173 6.69 -20.77 48.78
N GLU C 174 7.13 -22.04 48.88
CA GLU C 174 7.76 -22.55 50.09
C GLU C 174 8.90 -21.68 50.60
N LEU C 175 9.67 -21.08 49.69
CA LEU C 175 10.86 -20.33 50.06
C LEU C 175 10.62 -18.83 50.11
N GLY C 176 9.36 -18.41 50.21
CA GLY C 176 9.02 -17.00 50.30
C GLY C 176 8.23 -16.53 49.10
N ASN C 177 8.04 -15.21 49.02
CA ASN C 177 7.22 -14.62 47.98
C ASN C 177 8.01 -13.56 47.22
N GLY C 178 7.48 -13.18 46.07
CA GLY C 178 8.11 -12.18 45.23
C GLY C 178 7.08 -11.36 44.47
N ASN C 179 7.49 -10.16 44.08
CA ASN C 179 6.62 -9.21 43.40
C ASN C 179 7.46 -8.38 42.44
N ILE C 180 6.91 -8.14 41.25
CA ILE C 180 7.57 -7.36 40.20
C ILE C 180 6.60 -6.27 39.74
N LYS C 181 7.10 -5.05 39.56
CA LYS C 181 6.26 -3.92 39.19
C LYS C 181 6.74 -3.28 37.89
N LEU C 182 5.81 -3.07 36.98
CA LEU C 182 6.07 -2.39 35.71
C LEU C 182 5.22 -1.13 35.65
N SER C 183 5.75 -0.09 35.00
CA SER C 183 5.09 1.20 34.89
C SER C 183 5.16 1.75 33.47
N GLN C 184 4.24 2.67 33.18
CA GLN C 184 4.23 3.47 31.97
C GLN C 184 5.60 4.12 31.82
N THR C 185 6.51 3.51 31.07
CA THR C 185 7.85 4.06 30.86
C THR C 185 7.81 5.23 29.88
N SER C 186 8.98 5.87 29.74
CA SER C 186 9.20 7.03 28.87
C SER C 186 8.69 6.78 27.44
N ASN C 187 8.04 7.82 26.89
CA ASN C 187 7.25 7.83 25.65
C ASN C 187 8.11 7.85 24.37
N VAL C 188 9.44 7.77 24.48
CA VAL C 188 10.30 8.00 23.31
C VAL C 188 10.16 6.88 22.29
N ASP C 189 10.44 5.64 22.70
CA ASP C 189 10.45 4.48 21.82
C ASP C 189 9.31 3.55 22.17
N LYS C 190 8.49 3.24 21.16
CA LYS C 190 7.41 2.26 21.18
C LYS C 190 7.87 0.83 20.89
N GLU C 191 9.17 0.59 20.75
CA GLU C 191 9.59 -0.77 20.39
C GLU C 191 9.84 -1.59 21.65
N GLU C 192 10.75 -1.14 22.51
CA GLU C 192 10.76 -1.55 23.90
C GLU C 192 9.56 -0.81 24.50
N GLU C 193 8.38 -1.34 24.21
CA GLU C 193 7.16 -0.59 24.50
C GLU C 193 6.81 -0.57 25.98
N ALA C 194 7.09 0.59 26.59
CA ALA C 194 6.54 0.98 27.87
C ALA C 194 5.18 0.36 28.07
N VAL C 195 4.88 -0.03 29.30
CA VAL C 195 3.59 -0.63 29.52
C VAL C 195 2.61 0.46 29.12
N THR C 196 1.79 0.14 28.11
CA THR C 196 0.74 0.99 27.58
C THR C 196 -0.50 0.37 28.18
N ILE C 197 -0.90 0.89 29.32
CA ILE C 197 -1.98 0.35 30.12
C ILE C 197 -3.18 1.27 29.95
N GLU C 198 -4.22 0.75 29.32
CA GLU C 198 -5.47 1.47 29.17
C GLU C 198 -6.38 1.07 30.31
N MET C 199 -6.69 2.02 31.19
CA MET C 199 -7.46 1.75 32.39
C MET C 199 -8.90 2.17 32.15
N ASN C 200 -9.81 1.24 32.39
CA ASN C 200 -11.25 1.48 32.37
C ASN C 200 -11.91 1.16 33.69
N GLU C 201 -11.52 0.06 34.32
CA GLU C 201 -11.97 -0.35 35.64
C GLU C 201 -10.81 -1.01 36.36
N PRO C 202 -10.76 -0.95 37.69
CA PRO C 202 -9.69 -1.61 38.41
C PRO C 202 -9.79 -3.12 38.32
N VAL C 203 -8.63 -3.79 38.35
CA VAL C 203 -8.54 -5.22 38.07
C VAL C 203 -7.49 -5.84 38.99
N GLN C 204 -7.80 -7.03 39.51
CA GLN C 204 -6.84 -7.85 40.22
C GLN C 204 -7.37 -9.27 40.23
N LEU C 205 -6.59 -10.22 39.71
CA LEU C 205 -7.03 -11.60 39.58
C LEU C 205 -5.84 -12.54 39.70
N THR C 206 -6.12 -13.84 39.66
CA THR C 206 -5.12 -14.89 39.89
C THR C 206 -5.08 -15.88 38.73
N PHE C 207 -3.88 -16.38 38.42
CA PHE C 207 -3.63 -17.31 37.33
C PHE C 207 -2.61 -18.37 37.72
N ALA C 208 -2.58 -19.46 36.95
CA ALA C 208 -1.57 -20.50 37.07
C ALA C 208 -0.41 -20.24 36.11
N LEU C 209 0.82 -20.38 36.59
CA LEU C 209 1.99 -20.05 35.77
C LEU C 209 2.35 -21.11 34.75
N ARG C 210 2.05 -22.39 35.01
CA ARG C 210 2.43 -23.44 34.07
C ARG C 210 1.91 -23.16 32.67
N TYR C 211 0.61 -22.83 32.58
CA TYR C 211 0.04 -22.54 31.28
C TYR C 211 0.59 -21.24 30.72
N LEU C 212 1.01 -20.30 31.58
CA LEU C 212 1.64 -19.08 31.09
C LEU C 212 3.00 -19.37 30.47
N ASN C 213 3.77 -20.30 31.06
CA ASN C 213 5.03 -20.69 30.45
C ASN C 213 4.80 -21.47 29.16
N PHE C 214 3.70 -22.21 29.07
CA PHE C 214 3.30 -22.75 27.78
C PHE C 214 3.01 -21.63 26.78
N PHE C 215 2.30 -20.59 27.23
CA PHE C 215 1.94 -19.47 26.37
C PHE C 215 3.16 -18.75 25.83
N THR C 216 4.13 -18.49 26.70
CA THR C 216 5.31 -17.69 26.33
C THR C 216 6.22 -18.40 25.34
N LYS C 217 5.90 -19.63 24.93
CA LYS C 217 6.65 -20.28 23.86
C LYS C 217 6.42 -19.61 22.51
N ALA C 218 5.44 -18.70 22.42
CA ALA C 218 5.19 -17.93 21.22
C ALA C 218 5.91 -16.58 21.23
N THR C 219 6.88 -16.41 22.12
CA THR C 219 7.61 -15.15 22.19
C THR C 219 8.36 -14.80 20.90
N PRO C 220 9.09 -15.72 20.24
CA PRO C 220 9.85 -15.32 19.05
C PRO C 220 8.98 -14.84 17.87
N LEU C 221 7.66 -14.87 18.03
CA LEU C 221 6.78 -14.52 16.92
C LEU C 221 6.66 -13.00 16.76
N SER C 222 6.53 -12.27 17.86
CA SER C 222 6.44 -10.82 17.81
C SER C 222 7.41 -10.20 18.80
N SER C 223 7.55 -8.87 18.71
CA SER C 223 8.37 -8.12 19.65
C SER C 223 7.55 -7.38 20.70
N THR C 224 6.23 -7.38 20.57
CA THR C 224 5.34 -6.75 21.54
C THR C 224 4.16 -7.68 21.79
N VAL C 225 3.72 -7.75 23.04
CA VAL C 225 2.61 -8.60 23.45
C VAL C 225 1.55 -7.75 24.12
N THR C 226 0.28 -8.11 23.89
CA THR C 226 -0.82 -7.39 24.53
C THR C 226 -1.58 -8.35 25.44
N LEU C 227 -1.51 -8.10 26.75
CA LEU C 227 -2.26 -8.83 27.75
C LEU C 227 -3.50 -8.03 28.13
N SER C 228 -4.67 -8.60 27.86
CA SER C 228 -5.95 -7.95 28.10
C SER C 228 -6.73 -8.73 29.14
N MET C 229 -7.38 -8.02 30.06
CA MET C 229 -8.05 -8.70 31.16
C MET C 229 -9.12 -7.79 31.75
N SER C 230 -10.07 -8.45 32.42
CA SER C 230 -11.11 -7.79 33.19
C SER C 230 -11.46 -8.71 34.36
N ALA C 231 -12.26 -8.20 35.28
CA ALA C 231 -12.56 -8.95 36.50
C ALA C 231 -13.32 -10.23 36.18
N ASP C 232 -12.87 -11.35 36.74
CA ASP C 232 -13.55 -12.64 36.67
C ASP C 232 -13.77 -13.10 35.23
N VAL C 233 -12.88 -12.73 34.32
CA VAL C 233 -12.95 -13.23 32.94
C VAL C 233 -11.58 -13.76 32.55
N PRO C 234 -11.52 -14.62 31.54
CA PRO C 234 -10.21 -15.16 31.11
C PRO C 234 -9.34 -14.09 30.46
N LEU C 235 -8.06 -14.11 30.80
CA LEU C 235 -7.10 -13.21 30.17
C LEU C 235 -6.79 -13.62 28.74
N VAL C 236 -6.55 -12.60 27.92
CA VAL C 236 -6.17 -12.76 26.52
C VAL C 236 -4.72 -12.31 26.38
N VAL C 237 -3.88 -13.19 25.84
CA VAL C 237 -2.52 -12.86 25.50
C VAL C 237 -2.43 -12.88 23.98
N GLU C 238 -2.25 -11.72 23.37
CA GLU C 238 -2.24 -11.57 21.93
C GLU C 238 -0.81 -11.33 21.46
N TYR C 239 -0.34 -12.20 20.57
CA TYR C 239 0.93 -12.08 19.86
C TYR C 239 0.59 -11.67 18.43
N LYS C 240 0.99 -10.47 18.03
CA LYS C 240 0.64 -9.96 16.71
C LYS C 240 1.65 -10.45 15.69
N ILE C 241 1.17 -11.18 14.69
CA ILE C 241 1.98 -11.62 13.55
C ILE C 241 2.01 -10.51 12.50
N ALA C 242 3.19 -10.31 11.90
CA ALA C 242 3.37 -9.24 10.91
C ALA C 242 2.43 -9.46 9.72
N ASP C 243 1.53 -8.49 9.51
CA ASP C 243 0.59 -8.47 8.39
C ASP C 243 -0.37 -9.64 8.44
N MET C 244 0.17 -10.86 8.26
CA MET C 244 -0.61 -12.10 8.19
C MET C 244 -1.76 -12.16 9.17
N GLY C 245 -1.47 -12.02 10.45
CA GLY C 245 -2.53 -12.10 11.44
C GLY C 245 -2.05 -12.05 12.87
N HIS C 246 -2.50 -12.99 13.68
CA HIS C 246 -2.18 -12.97 15.10
C HIS C 246 -2.38 -14.35 15.69
N LEU C 247 -2.00 -14.49 16.96
CA LEU C 247 -2.24 -15.72 17.70
C LEU C 247 -2.56 -15.33 19.14
N LYS C 248 -3.72 -15.77 19.61
CA LYS C 248 -4.23 -15.40 20.93
C LYS C 248 -4.35 -16.63 21.82
N TYR C 249 -3.94 -16.48 23.07
CA TYR C 249 -4.08 -17.49 24.10
C TYR C 249 -5.05 -16.95 25.15
N TYR C 250 -6.14 -17.68 25.38
CA TYR C 250 -7.11 -17.34 26.42
C TYR C 250 -6.92 -18.28 27.59
N LEU C 251 -6.84 -17.72 28.81
CA LEU C 251 -6.62 -18.51 30.01
C LEU C 251 -7.65 -18.14 31.06
N ALA C 252 -8.28 -19.16 31.68
CA ALA C 252 -9.34 -18.95 32.64
C ALA C 252 -8.77 -18.60 34.02
N PRO C 253 -9.39 -17.67 34.73
CA PRO C 253 -8.85 -17.26 36.04
C PRO C 253 -9.10 -18.30 37.12
N LYS C 254 -8.36 -18.13 38.21
CA LYS C 254 -8.51 -18.94 39.42
C LYS C 254 -9.30 -18.14 40.45
N ILE C 255 -10.49 -18.64 40.80
CA ILE C 255 -11.34 -17.95 41.76
C ILE C 255 -11.34 -18.68 43.10
C ARG D 2 6.76 15.00 -0.35
N GLN D 3 6.27 14.21 -1.52
CA GLN D 3 5.02 13.48 -1.38
C GLN D 3 5.28 12.15 -0.67
N CYS D 4 4.21 11.51 0.14
CA CYS D 4 4.52 10.25 0.78
C CYS D 4 4.41 9.08 -0.24
N SER D 5 3.90 7.71 0.17
CA SER D 5 3.89 6.73 -0.92
C SER D 5 2.48 6.52 -1.58
N MET D 6 1.25 6.05 -0.89
CA MET D 6 1.10 5.71 0.52
C MET D 6 1.43 4.24 0.81
N THR D 7 2.01 3.34 -0.23
CA THR D 7 2.32 1.90 0.10
C THR D 7 3.30 1.90 1.32
N CYS D 8 4.09 3.12 1.67
CA CYS D 8 4.97 3.11 2.85
C CYS D 8 4.05 2.98 4.06
N PHE D 9 2.60 3.28 3.89
CA PHE D 9 1.69 3.17 5.02
C PHE D 9 1.04 1.76 5.06
N TYR D 10 0.41 1.13 3.85
CA TYR D 10 -0.21 -0.19 4.01
C TYR D 10 0.59 -1.29 3.29
N HIS D 11 0.24 -2.72 3.48
CA HIS D 11 1.03 -3.74 2.80
C HIS D 11 0.22 -5.00 2.42
N SER D 12 0.23 -5.42 1.00
CA SER D 12 -0.48 -6.63 0.56
C SER D 12 0.64 -7.68 0.53
N LYS D 13 1.54 -7.63 -0.63
CA LYS D 13 2.68 -8.52 -0.81
C LYS D 13 3.75 -7.63 -1.45
N GLN E 3 -0.72 25.56 -16.32
CA GLN E 3 0.30 24.56 -16.09
C GLN E 3 0.01 23.32 -16.94
N CYS E 4 -1.18 23.32 -17.84
CA CYS E 4 -1.55 22.19 -18.69
C CYS E 4 -1.59 20.87 -17.87
N SER E 5 -1.40 19.55 -18.57
CA SER E 5 -1.44 18.30 -17.80
C SER E 5 -0.76 17.20 -18.64
N MET E 6 -0.88 15.77 -18.22
CA MET E 6 -0.26 14.73 -19.04
C MET E 6 -1.36 13.75 -19.41
N THR E 7 -1.23 12.88 -20.61
CA THR E 7 -2.27 11.87 -21.06
C THR E 7 -3.20 12.56 -22.13
N CYS E 8 -3.34 14.05 -22.28
CA CYS E 8 -4.24 14.56 -23.33
C CYS E 8 -3.46 14.67 -24.65
N PHE E 9 -2.63 13.53 -25.15
CA PHE E 9 -1.88 13.65 -26.39
C PHE E 9 -1.49 12.26 -26.96
N TYR E 10 -2.27 11.48 -27.99
CA TYR E 10 -3.54 11.78 -28.67
C TYR E 10 -3.62 10.86 -29.91
N HIS E 11 -4.08 9.46 -29.77
CA ARG F 2 -9.36 -21.67 41.79
C ARG F 2 -10.64 -22.51 41.72
N GLN F 3 -10.92 -23.33 40.53
CA GLN F 3 -10.02 -23.36 39.39
C GLN F 3 -10.85 -23.44 38.11
N CYS F 4 -11.37 -22.18 37.50
CA CYS F 4 -12.17 -22.22 36.29
C CYS F 4 -11.33 -22.77 35.11
N SER F 5 -11.86 -23.72 34.05
CA SER F 5 -13.21 -24.32 33.93
C SER F 5 -13.23 -25.08 32.56
N MET F 6 -13.12 -24.39 31.22
CA MET F 6 -13.00 -22.94 31.01
C MET F 6 -14.16 -22.57 30.06
N THR F 7 -15.03 -23.69 29.61
CA THR F 7 -16.20 -23.57 28.69
C THR F 7 -17.21 -22.57 29.34
N CYS F 8 -17.15 -22.32 30.81
CA CYS F 8 -18.04 -21.43 31.58
C CYS F 8 -18.55 -20.21 30.81
N PHE F 9 -17.63 -19.49 29.90
CA PHE F 9 -18.10 -18.31 29.19
C PHE F 9 -18.06 -18.48 27.65
N TYR F 10 -18.10 -19.80 26.96
CA TYR F 10 -18.02 -19.78 25.49
C TYR F 10 -18.90 -20.85 24.79
N HIS F 11 -19.01 -22.23 25.30
CA HIS F 11 -19.83 -23.26 24.65
C HIS F 11 -19.41 -23.53 23.19
N SER F 12 -20.21 -23.02 22.04
CA SER F 12 -19.74 -23.32 20.67
C SER F 12 -20.19 -22.23 19.68
N LYS F 13 -19.61 -22.21 18.31
#